data_8VXK
#
_entry.id   8VXK
#
_cell.length_a   118.782
_cell.length_b   118.782
_cell.length_c   75.332
_cell.angle_alpha   90.00
_cell.angle_beta   90.00
_cell.angle_gamma   90.00
#
_symmetry.space_group_name_H-M   'P 41'
#
loop_
_entity.id
_entity.type
_entity.pdbx_description
1 polymer 'HTH-type transcriptional regulatory protein GabR'
2 non-polymer 'PHOSPHATE ION'
3 water water
#
_entity_poly.entity_id   1
_entity_poly.type   'polypeptide(L)'
_entity_poly.pdbx_seq_one_letter_code
;MIDQSDWISFSHMSSDTDHFPIKSWFRCEQKAASRSYRTLGDMSHPQGIYEVRAAITRLISLTRGVKCRPEQMIIGAGTQ
VLMQLLTELLPKEAVYAMEEPGYRRMYQLLKNAGKQVKTIMLDEKGMSIAEITRQQPDVLVTTPSHQFPSGTIMPVSRRI
QLLNWAAEEPRRYIIEDDYDSEFTYDVDSIPALQSLDRFQNVIYMGTFSKSLLPGLRISYMVLPPELLRAYKQRGYDLQT
CSSLTQLTLQEFIESGEYQKHIKKMKQHYKEKRERLITALEAEFSGEVTVKGANAGLHFVTEFDTRRTEQDILSHAAGLQ
LEIFGMSRFNLKENKRQTGRPALIIGFARLKEEDIQEGVQRLFKAVYGHKKIPVTGDHHHHHH
;
_entity_poly.pdbx_strand_id   A,B
#
# COMPACT_ATOMS: atom_id res chain seq x y z
N SER A 5 -7.80 -27.05 -14.68
CA SER A 5 -7.50 -25.90 -15.53
C SER A 5 -6.40 -26.22 -16.53
N ASP A 6 -6.78 -26.71 -17.72
CA ASP A 6 -5.82 -26.83 -18.81
C ASP A 6 -5.86 -25.56 -19.64
N TRP A 7 -5.65 -24.41 -18.99
CA TRP A 7 -5.73 -23.15 -19.68
C TRP A 7 -4.43 -22.83 -20.38
N ILE A 8 -4.51 -21.90 -21.32
CA ILE A 8 -3.37 -21.30 -21.98
C ILE A 8 -3.56 -19.79 -21.93
N SER A 9 -2.54 -19.07 -21.52
CA SER A 9 -2.63 -17.65 -21.28
C SER A 9 -1.92 -16.88 -22.37
N PHE A 10 -2.68 -16.17 -23.20
CA PHE A 10 -2.14 -15.14 -24.05
C PHE A 10 -2.27 -13.80 -23.37
N SER A 11 -2.19 -13.80 -22.06
CA SER A 11 -2.45 -12.64 -21.24
C SER A 11 -1.19 -11.83 -20.99
N HIS A 12 -1.35 -10.51 -21.03
CA HIS A 12 -0.29 -9.56 -20.75
C HIS A 12 -0.18 -9.19 -19.27
N MET A 13 -1.25 -9.34 -18.49
CA MET A 13 -1.26 -8.99 -17.07
C MET A 13 -0.61 -10.04 -16.19
N SER A 14 -0.22 -11.18 -16.73
CA SER A 14 0.36 -12.26 -15.95
C SER A 14 1.83 -12.35 -16.26
N SER A 15 2.59 -13.01 -15.38
CA SER A 15 4.01 -13.29 -15.62
C SER A 15 4.31 -14.73 -15.22
N ASP A 16 5.25 -15.34 -15.94
CA ASP A 16 5.47 -16.78 -15.80
C ASP A 16 6.36 -17.03 -14.60
N THR A 17 5.81 -17.73 -13.62
CA THR A 17 6.45 -17.98 -12.35
C THR A 17 7.55 -19.03 -12.42
N ASP A 18 7.54 -19.89 -13.44
CA ASP A 18 8.54 -20.95 -13.51
C ASP A 18 9.94 -20.42 -13.75
N HIS A 19 10.09 -19.24 -14.35
CA HIS A 19 11.41 -18.70 -14.60
C HIS A 19 11.81 -17.56 -13.65
N PHE A 20 10.96 -17.21 -12.72
CA PHE A 20 11.43 -16.39 -11.63
C PHE A 20 12.16 -17.25 -10.61
N PRO A 21 13.40 -16.88 -10.22
CA PRO A 21 14.11 -17.60 -9.16
C PRO A 21 13.56 -17.37 -7.76
N ILE A 22 12.46 -18.03 -7.42
CA ILE A 22 11.81 -17.81 -6.13
C ILE A 22 12.66 -18.28 -4.95
N LYS A 23 13.44 -19.35 -5.13
CA LYS A 23 14.39 -19.70 -4.09
C LYS A 23 15.45 -18.63 -3.93
N SER A 24 15.94 -18.04 -5.03
CA SER A 24 16.89 -16.95 -4.88
C SER A 24 16.26 -15.77 -4.19
N TRP A 25 15.03 -15.42 -4.56
CA TRP A 25 14.37 -14.31 -3.89
C TRP A 25 14.22 -14.59 -2.40
N PHE A 26 13.87 -15.80 -2.05
CA PHE A 26 13.68 -16.15 -0.66
C PHE A 26 15.00 -16.15 0.09
N ARG A 27 16.08 -16.57 -0.57
CA ARG A 27 17.38 -16.54 0.07
C ARG A 27 17.85 -15.11 0.25
N CYS A 28 17.52 -14.23 -0.68
CA CYS A 28 17.79 -12.81 -0.49
C CYS A 28 17.01 -12.25 0.68
N GLU A 29 15.75 -12.68 0.84
CA GLU A 29 14.95 -12.30 1.99
C GLU A 29 15.59 -12.74 3.30
N GLN A 30 16.10 -13.96 3.34
CA GLN A 30 16.71 -14.44 4.59
C GLN A 30 18.02 -13.69 4.87
N LYS A 31 18.81 -13.43 3.83
CA LYS A 31 20.03 -12.66 4.02
C LYS A 31 19.72 -11.30 4.59
N ALA A 32 18.76 -10.59 3.99
CA ALA A 32 18.38 -9.27 4.47
C ALA A 32 17.85 -9.34 5.89
N ALA A 33 17.01 -10.33 6.19
CA ALA A 33 16.43 -10.42 7.52
C ALA A 33 17.52 -10.60 8.58
N SER A 34 18.47 -11.50 8.34
CA SER A 34 19.50 -11.73 9.33
C SER A 34 20.51 -10.59 9.37
N ARG A 35 20.70 -9.88 8.27
CA ARG A 35 21.61 -8.75 8.35
C ARG A 35 20.97 -7.55 9.03
N SER A 36 19.64 -7.47 9.06
CA SER A 36 19.04 -6.24 9.56
C SER A 36 17.90 -6.44 10.55
N TYR A 37 17.83 -7.59 11.23
CA TYR A 37 16.68 -7.91 12.06
C TYR A 37 16.38 -6.85 13.12
N ARG A 38 17.43 -6.27 13.72
CA ARG A 38 17.19 -5.36 14.84
C ARG A 38 16.36 -4.15 14.39
N THR A 39 16.63 -3.64 13.20
CA THR A 39 15.97 -2.44 12.68
C THR A 39 14.65 -2.73 11.99
N LEU A 40 14.19 -3.98 11.96
CA LEU A 40 12.93 -4.30 11.31
C LEU A 40 11.73 -3.75 12.07
N GLY A 41 11.85 -3.65 13.39
CA GLY A 41 10.79 -3.11 14.22
C GLY A 41 10.56 -1.64 14.02
N ASP A 42 11.41 -0.99 13.24
CA ASP A 42 11.17 0.37 12.80
C ASP A 42 10.21 0.36 11.63
N MET A 43 9.55 1.49 11.42
CA MET A 43 8.80 1.71 10.20
C MET A 43 9.67 2.54 9.27
N SER A 44 9.74 2.14 8.00
CA SER A 44 10.69 2.68 7.05
C SER A 44 10.61 4.20 6.99
N HIS A 45 11.67 4.83 6.52
CA HIS A 45 11.56 6.21 6.07
C HIS A 45 10.42 6.31 5.06
N PRO A 46 9.56 7.31 5.16
CA PRO A 46 8.34 7.31 4.33
C PRO A 46 8.58 7.20 2.83
N GLN A 47 9.70 7.74 2.33
CA GLN A 47 10.12 7.60 0.95
C GLN A 47 10.75 6.25 0.66
N GLY A 48 10.99 5.46 1.68
CA GLY A 48 11.64 4.18 1.50
C GLY A 48 13.03 4.20 2.08
N ILE A 49 13.49 3.01 2.48
CA ILE A 49 14.83 2.87 3.05
C ILE A 49 15.85 3.45 2.11
N TYR A 50 16.74 4.29 2.66
CA TYR A 50 17.64 5.09 1.82
C TYR A 50 18.54 4.20 0.98
N GLU A 51 19.07 3.14 1.57
CA GLU A 51 20.00 2.28 0.85
C GLU A 51 19.29 1.54 -0.27
N VAL A 52 18.00 1.25 -0.08
CA VAL A 52 17.22 0.61 -1.13
C VAL A 52 16.99 1.59 -2.27
N ARG A 53 16.70 2.85 -1.92
CA ARG A 53 16.56 3.88 -2.92
C ARG A 53 17.86 4.08 -3.67
N ALA A 54 18.98 3.97 -2.97
CA ALA A 54 20.28 4.10 -3.61
C ALA A 54 20.54 2.95 -4.56
N ALA A 55 20.17 1.72 -4.17
CA ALA A 55 20.33 0.58 -5.05
C ALA A 55 19.52 0.74 -6.33
N ILE A 56 18.28 1.19 -6.21
CA ILE A 56 17.45 1.39 -7.40
C ILE A 56 18.02 2.50 -8.27
N THR A 57 18.51 3.56 -7.64
CA THR A 57 19.03 4.68 -8.40
C THR A 57 20.24 4.26 -9.23
N ARG A 58 21.16 3.51 -8.63
CA ARG A 58 22.27 3.01 -9.43
C ARG A 58 21.74 2.12 -10.53
N LEU A 59 20.77 1.26 -10.19
CA LEU A 59 20.26 0.30 -11.17
C LEU A 59 19.69 1.01 -12.39
N ILE A 60 18.81 1.97 -12.17
CA ILE A 60 18.11 2.56 -13.29
C ILE A 60 19.01 3.54 -14.03
N SER A 61 19.97 4.16 -13.35
CA SER A 61 20.95 4.96 -14.09
C SER A 61 21.78 4.08 -15.01
N LEU A 62 22.13 2.87 -14.57
CA LEU A 62 22.83 1.93 -15.42
C LEU A 62 21.97 1.50 -16.61
N THR A 63 20.85 0.86 -16.35
CA THR A 63 20.10 0.24 -17.44
C THR A 63 19.48 1.27 -18.37
N ARG A 64 18.83 2.30 -17.83
CA ARG A 64 18.01 3.20 -18.64
C ARG A 64 18.62 4.57 -18.86
N GLY A 65 19.70 4.91 -18.16
CA GLY A 65 20.28 6.23 -18.24
C GLY A 65 19.62 7.27 -17.38
N VAL A 66 18.80 6.87 -16.42
CA VAL A 66 18.08 7.84 -15.60
C VAL A 66 19.05 8.56 -14.67
N LYS A 67 18.83 9.86 -14.51
CA LYS A 67 19.72 10.71 -13.73
C LYS A 67 18.95 11.22 -12.51
N CYS A 68 19.38 10.83 -11.32
CA CYS A 68 18.70 11.29 -10.12
C CYS A 68 19.55 10.98 -8.90
N ARG A 69 19.22 11.69 -7.80
CA ARG A 69 19.78 11.30 -6.52
C ARG A 69 18.73 10.54 -5.71
N PRO A 70 19.14 9.64 -4.83
CA PRO A 70 18.15 8.82 -4.09
C PRO A 70 17.16 9.63 -3.31
N GLU A 71 17.52 10.85 -2.94
CA GLU A 71 16.61 11.70 -2.19
C GLU A 71 15.39 12.05 -3.00
N GLN A 72 15.46 11.94 -4.32
CA GLN A 72 14.34 12.27 -5.18
C GLN A 72 13.32 11.15 -5.31
N MET A 73 13.64 9.94 -4.91
CA MET A 73 12.81 8.81 -5.27
C MET A 73 11.87 8.47 -4.13
N ILE A 74 10.65 8.08 -4.48
CA ILE A 74 9.65 7.63 -3.53
C ILE A 74 9.26 6.21 -3.89
N ILE A 75 9.16 5.36 -2.88
CA ILE A 75 8.63 3.99 -2.96
C ILE A 75 7.31 3.95 -2.20
N GLY A 76 6.26 3.38 -2.79
CA GLY A 76 6.13 2.46 -3.89
C GLY A 76 5.30 1.18 -3.87
N ALA A 77 4.18 1.10 -3.16
CA ALA A 77 3.42 -0.15 -3.24
C ALA A 77 2.58 -0.25 -4.51
N GLY A 78 3.17 -0.03 -5.65
CA GLY A 78 2.40 -0.04 -6.87
C GLY A 78 2.27 1.34 -7.46
N THR A 79 2.26 1.41 -8.79
CA THR A 79 2.20 2.67 -9.51
C THR A 79 0.91 3.44 -9.26
N GLN A 80 -0.13 2.76 -8.79
CA GLN A 80 -1.43 3.39 -8.56
C GLN A 80 -1.37 4.29 -7.33
N VAL A 81 -0.73 3.81 -6.26
CA VAL A 81 -0.59 4.62 -5.05
C VAL A 81 0.34 5.80 -5.31
N LEU A 82 1.42 5.55 -6.04
CA LEU A 82 2.36 6.61 -6.32
C LEU A 82 1.72 7.68 -7.18
N MET A 83 0.85 7.25 -8.09
CA MET A 83 0.19 8.19 -8.98
C MET A 83 -0.84 9.03 -8.24
N GLN A 84 -1.55 8.43 -7.27
CA GLN A 84 -2.45 9.21 -6.43
C GLN A 84 -1.70 10.29 -5.67
N LEU A 85 -0.63 9.88 -4.98
CA LEU A 85 0.19 10.87 -4.30
C LEU A 85 0.62 11.95 -5.27
N LEU A 86 0.99 11.55 -6.48
CA LEU A 86 1.52 12.50 -7.44
C LEU A 86 0.48 13.53 -7.84
N THR A 87 -0.77 13.10 -8.02
CA THR A 87 -1.83 14.07 -8.28
C THR A 87 -2.03 15.02 -7.13
N GLU A 88 -1.68 14.60 -5.92
CA GLU A 88 -1.75 15.58 -4.82
C GLU A 88 -0.52 16.47 -4.75
N LEU A 89 0.62 16.05 -5.28
CA LEU A 89 1.79 16.92 -5.36
C LEU A 89 1.73 17.93 -6.49
N LEU A 90 1.06 17.58 -7.58
CA LEU A 90 0.92 18.48 -8.72
C LEU A 90 -0.10 19.56 -8.41
N PRO A 91 -0.11 20.62 -9.21
CA PRO A 91 -1.14 21.65 -9.03
C PRO A 91 -2.53 21.03 -9.05
N LYS A 92 -3.40 21.50 -8.16
CA LYS A 92 -4.71 20.89 -8.04
C LYS A 92 -5.54 21.12 -9.29
N GLU A 93 -5.23 22.18 -10.03
CA GLU A 93 -5.97 22.61 -11.19
C GLU A 93 -5.38 22.10 -12.51
N ALA A 94 -4.36 21.26 -12.44
CA ALA A 94 -3.72 20.75 -13.65
C ALA A 94 -4.72 19.95 -14.48
N VAL A 95 -4.60 20.08 -15.80
CA VAL A 95 -5.36 19.28 -16.76
C VAL A 95 -4.45 18.15 -17.21
N TYR A 96 -4.93 16.93 -17.09
CA TYR A 96 -4.12 15.76 -17.36
C TYR A 96 -4.36 15.29 -18.78
N ALA A 97 -3.42 14.50 -19.30
CA ALA A 97 -3.47 14.03 -20.68
C ALA A 97 -2.91 12.61 -20.75
N MET A 98 -3.72 11.66 -21.20
CA MET A 98 -3.28 10.28 -21.34
C MET A 98 -3.44 9.78 -22.78
N GLU A 99 -2.65 8.75 -23.09
CA GLU A 99 -2.64 8.15 -24.41
C GLU A 99 -3.92 7.38 -24.67
N GLU A 100 -4.45 7.51 -25.88
CA GLU A 100 -5.63 6.76 -26.27
C GLU A 100 -5.23 5.88 -27.45
N PRO A 101 -5.23 4.54 -27.34
CA PRO A 101 -5.65 3.67 -26.23
C PRO A 101 -4.67 3.72 -25.08
N GLY A 102 -5.06 3.34 -23.88
CA GLY A 102 -4.16 3.36 -22.76
C GLY A 102 -4.71 2.70 -21.52
N TYR A 103 -4.36 3.24 -20.36
CA TYR A 103 -4.67 2.62 -19.08
C TYR A 103 -6.01 3.18 -18.61
N ARG A 104 -7.07 2.41 -18.78
CA ARG A 104 -8.36 2.88 -18.32
C ARG A 104 -8.34 3.10 -16.81
N ARG A 105 -7.63 2.25 -16.06
CA ARG A 105 -7.62 2.37 -14.61
C ARG A 105 -7.12 3.73 -14.16
N MET A 106 -6.03 4.20 -14.73
CA MET A 106 -5.58 5.53 -14.37
C MET A 106 -6.53 6.60 -14.88
N TYR A 107 -7.22 6.35 -16.00
CA TYR A 107 -8.20 7.32 -16.46
C TYR A 107 -9.28 7.50 -15.42
N GLN A 108 -9.78 6.40 -14.88
CA GLN A 108 -10.84 6.41 -13.90
C GLN A 108 -10.36 7.01 -12.59
N LEU A 109 -9.13 6.69 -12.21
CA LEU A 109 -8.53 7.31 -11.04
C LEU A 109 -8.49 8.82 -11.19
N LEU A 110 -8.13 9.30 -12.38
CA LEU A 110 -8.01 10.74 -12.55
C LEU A 110 -9.36 11.42 -12.60
N LYS A 111 -10.32 10.84 -13.32
CA LYS A 111 -11.65 11.42 -13.36
C LYS A 111 -12.27 11.42 -11.98
N ASN A 112 -12.14 10.31 -11.27
CA ASN A 112 -12.69 10.17 -9.93
C ASN A 112 -12.16 11.24 -9.00
N ALA A 113 -10.94 11.64 -9.22
CA ALA A 113 -10.34 12.78 -8.56
C ALA A 113 -10.87 14.08 -9.07
N GLY A 114 -11.96 14.12 -9.81
CA GLY A 114 -12.48 15.38 -10.28
C GLY A 114 -11.60 16.10 -11.26
N LYS A 115 -10.51 15.48 -11.70
CA LYS A 115 -9.62 16.14 -12.63
C LYS A 115 -10.21 16.11 -14.03
N GLN A 116 -9.75 17.05 -14.84
CA GLN A 116 -10.05 17.07 -16.25
C GLN A 116 -9.02 16.22 -16.97
N VAL A 117 -9.46 15.21 -17.71
CA VAL A 117 -8.55 14.31 -18.41
C VAL A 117 -8.87 14.39 -19.88
N LYS A 118 -7.87 14.77 -20.66
CA LYS A 118 -7.98 14.81 -22.11
C LYS A 118 -7.31 13.56 -22.65
N THR A 119 -7.97 12.89 -23.57
CA THR A 119 -7.46 11.67 -24.18
C THR A 119 -6.76 12.05 -25.48
N ILE A 120 -5.51 11.60 -25.62
CA ILE A 120 -4.65 11.97 -26.74
C ILE A 120 -4.42 10.74 -27.59
N MET A 121 -4.85 10.80 -28.85
CA MET A 121 -4.70 9.70 -29.78
C MET A 121 -3.24 9.48 -30.13
N LEU A 122 -2.95 8.30 -30.66
CA LEU A 122 -1.58 7.98 -31.03
C LEU A 122 -1.37 8.11 -32.52
N ASP A 123 -0.11 8.12 -32.92
CA ASP A 123 0.22 7.83 -34.30
C ASP A 123 1.43 6.94 -34.37
N GLU A 124 1.98 6.77 -35.58
CA GLU A 124 3.13 5.89 -35.80
C GLU A 124 4.31 6.23 -34.91
N LYS A 125 4.31 7.40 -34.26
CA LYS A 125 5.41 7.86 -33.42
C LYS A 125 5.08 7.91 -31.94
N GLY A 126 3.92 7.46 -31.53
CA GLY A 126 3.53 7.53 -30.15
C GLY A 126 2.42 8.53 -29.95
N MET A 127 2.19 8.88 -28.69
CA MET A 127 1.17 9.84 -28.32
C MET A 127 1.30 11.10 -29.18
N SER A 128 0.18 11.59 -29.66
CA SER A 128 0.14 12.61 -30.70
C SER A 128 0.44 13.97 -30.06
N ILE A 129 1.60 14.54 -30.40
CA ILE A 129 1.92 15.86 -29.87
C ILE A 129 1.01 16.91 -30.47
N ALA A 130 0.52 16.67 -31.70
CA ALA A 130 -0.40 17.62 -32.32
C ALA A 130 -1.69 17.72 -31.53
N GLU A 131 -2.21 16.59 -31.05
CA GLU A 131 -3.44 16.66 -30.27
C GLU A 131 -3.17 17.29 -28.92
N ILE A 132 -2.00 17.03 -28.35
CA ILE A 132 -1.58 17.68 -27.11
C ILE A 132 -1.63 19.18 -27.28
N THR A 133 -1.00 19.67 -28.35
CA THR A 133 -0.99 21.09 -28.63
C THR A 133 -2.39 21.63 -28.83
N ARG A 134 -3.21 20.92 -29.58
CA ARG A 134 -4.56 21.42 -29.82
C ARG A 134 -5.36 21.53 -28.51
N GLN A 135 -5.21 20.55 -27.63
CA GLN A 135 -6.05 20.47 -26.44
C GLN A 135 -5.44 21.16 -25.22
N GLN A 136 -4.13 21.48 -25.26
CA GLN A 136 -3.42 22.35 -24.32
C GLN A 136 -3.44 21.85 -22.89
N PRO A 137 -2.82 20.68 -22.60
CA PRO A 137 -2.89 20.12 -21.25
C PRO A 137 -1.79 20.68 -20.37
N ASP A 138 -1.75 20.25 -19.12
CA ASP A 138 -0.68 20.60 -18.19
C ASP A 138 0.25 19.43 -17.92
N VAL A 139 -0.30 18.24 -17.70
CA VAL A 139 0.44 17.04 -17.31
C VAL A 139 0.16 15.94 -18.32
N LEU A 140 1.22 15.36 -18.87
CA LEU A 140 1.12 14.23 -19.78
C LEU A 140 1.45 12.96 -19.04
N VAL A 141 0.68 11.90 -19.28
CA VAL A 141 1.00 10.56 -18.82
C VAL A 141 1.33 9.72 -20.05
N THR A 142 2.57 9.22 -20.16
CA THR A 142 2.99 8.60 -21.40
C THR A 142 3.80 7.35 -21.14
N THR A 143 3.84 6.45 -22.13
CA THR A 143 4.58 5.18 -22.10
C THR A 143 5.51 5.11 -23.30
N PRO A 144 6.65 5.73 -23.21
CA PRO A 144 7.45 5.96 -24.41
C PRO A 144 8.20 4.73 -24.88
N SER A 145 8.59 3.89 -23.92
CA SER A 145 9.44 2.75 -24.22
C SER A 145 8.68 1.70 -25.02
N HIS A 146 7.49 1.33 -24.57
CA HIS A 146 6.64 0.37 -25.28
C HIS A 146 5.21 0.76 -24.96
N GLN A 147 4.61 1.57 -25.82
CA GLN A 147 3.32 2.15 -25.50
C GLN A 147 2.38 1.06 -25.04
N PHE A 148 1.56 1.40 -24.07
CA PHE A 148 0.59 0.45 -23.55
C PHE A 148 -0.82 0.88 -23.92
N PRO A 149 -1.54 0.13 -24.77
CA PRO A 149 -1.27 -1.22 -25.25
C PRO A 149 -0.69 -1.32 -26.65
N SER A 150 -0.62 -0.23 -27.39
CA SER A 150 -0.32 -0.31 -28.81
C SER A 150 1.09 -0.78 -29.13
N GLY A 151 1.97 -0.82 -28.16
CA GLY A 151 3.32 -1.28 -28.42
C GLY A 151 4.17 -0.38 -29.28
N THR A 152 3.74 0.84 -29.57
CA THR A 152 4.58 1.72 -30.36
C THR A 152 5.72 2.25 -29.50
N ILE A 153 6.94 2.11 -30.00
CA ILE A 153 8.08 2.71 -29.34
C ILE A 153 8.17 4.17 -29.77
N MET A 154 8.22 5.05 -28.80
CA MET A 154 8.25 6.46 -29.14
C MET A 154 9.64 6.81 -29.63
N PRO A 155 9.79 7.31 -30.84
CA PRO A 155 11.11 7.63 -31.36
C PRO A 155 11.67 8.86 -30.66
N VAL A 156 12.99 9.01 -30.78
CA VAL A 156 13.65 10.11 -30.10
C VAL A 156 13.05 11.42 -30.53
N SER A 157 12.68 11.55 -31.81
CA SER A 157 12.17 12.82 -32.30
C SER A 157 10.87 13.21 -31.62
N ARG A 158 9.98 12.25 -31.44
CA ARG A 158 8.75 12.58 -30.75
C ARG A 158 9.01 12.87 -29.29
N ARG A 159 10.00 12.19 -28.70
CA ARG A 159 10.38 12.50 -27.33
C ARG A 159 10.87 13.94 -27.21
N ILE A 160 11.69 14.37 -28.17
CA ILE A 160 12.16 15.74 -28.20
C ILE A 160 10.98 16.69 -28.29
N GLN A 161 10.00 16.33 -29.11
CA GLN A 161 8.85 17.21 -29.27
C GLN A 161 8.11 17.39 -27.96
N LEU A 162 7.92 16.30 -27.22
CA LEU A 162 7.21 16.38 -25.95
C LEU A 162 7.99 17.20 -24.93
N LEU A 163 9.30 17.00 -24.88
CA LEU A 163 10.12 17.76 -23.94
C LEU A 163 10.11 19.24 -24.28
N ASN A 164 10.15 19.58 -25.56
CA ASN A 164 10.07 20.98 -25.97
C ASN A 164 8.76 21.58 -25.53
N TRP A 165 7.66 20.87 -25.75
CA TRP A 165 6.37 21.34 -25.28
C TRP A 165 6.39 21.59 -23.77
N ALA A 166 6.86 20.60 -23.00
CA ALA A 166 6.85 20.73 -21.54
C ALA A 166 7.65 21.92 -21.09
N ALA A 167 8.71 22.23 -21.82
CA ALA A 167 9.61 23.28 -21.43
C ALA A 167 9.19 24.65 -21.93
N GLU A 168 8.30 24.75 -22.90
CA GLU A 168 8.03 26.10 -23.36
C GLU A 168 7.13 26.88 -22.43
N GLU A 169 6.45 26.24 -21.48
CA GLU A 169 5.59 26.92 -20.53
C GLU A 169 5.81 26.40 -19.11
N PRO A 170 5.52 27.22 -18.09
CA PRO A 170 5.78 26.83 -16.71
C PRO A 170 4.75 25.85 -16.20
N ARG A 171 5.17 25.03 -15.23
CA ARG A 171 4.28 24.12 -14.52
C ARG A 171 3.65 23.11 -15.48
N ARG A 172 4.46 22.64 -16.41
CA ARG A 172 4.09 21.57 -17.30
C ARG A 172 4.94 20.35 -16.98
N TYR A 173 4.33 19.17 -16.96
CA TYR A 173 5.01 17.98 -16.49
C TYR A 173 4.69 16.80 -17.39
N ILE A 174 5.67 15.91 -17.51
CA ILE A 174 5.53 14.66 -18.23
C ILE A 174 5.72 13.55 -17.23
N ILE A 175 4.74 12.66 -17.11
CA ILE A 175 4.88 11.47 -16.29
C ILE A 175 5.31 10.34 -17.22
N GLU A 176 6.52 9.86 -17.07
CA GLU A 176 7.03 8.78 -17.90
C GLU A 176 6.87 7.46 -17.16
N ASP A 177 5.84 6.69 -17.50
CA ASP A 177 5.68 5.35 -16.96
C ASP A 177 6.58 4.41 -17.75
N ASP A 178 7.68 3.98 -17.17
CA ASP A 178 8.59 3.08 -17.87
C ASP A 178 8.32 1.62 -17.49
N TYR A 179 7.05 1.28 -17.57
CA TYR A 179 6.60 -0.11 -17.59
C TYR A 179 7.22 -0.78 -18.81
N ASP A 180 7.58 -2.06 -18.67
CA ASP A 180 7.99 -2.90 -19.79
C ASP A 180 9.34 -2.50 -20.38
N SER A 181 10.13 -1.76 -19.63
CA SER A 181 11.37 -1.21 -20.14
C SER A 181 12.55 -2.14 -19.98
N GLU A 182 12.40 -3.21 -19.20
CA GLU A 182 13.51 -4.12 -18.98
C GLU A 182 13.84 -4.96 -20.21
N PHE A 183 12.99 -4.95 -21.23
CA PHE A 183 13.07 -5.87 -22.36
C PHE A 183 12.92 -5.09 -23.67
N THR A 184 13.96 -5.13 -24.51
CA THR A 184 14.00 -4.43 -25.80
C THR A 184 14.74 -5.31 -26.83
N TYR A 185 14.00 -5.98 -27.73
CA TYR A 185 14.59 -7.17 -28.32
C TYR A 185 15.52 -6.98 -29.52
N ASP A 186 14.96 -6.66 -30.69
CA ASP A 186 15.77 -6.46 -31.90
C ASP A 186 15.98 -4.99 -32.19
N VAL A 187 15.38 -4.12 -31.38
CA VAL A 187 15.75 -2.73 -31.30
C VAL A 187 16.73 -2.61 -30.14
N ASP A 188 17.53 -1.55 -30.15
CA ASP A 188 18.41 -1.31 -29.02
C ASP A 188 17.72 -0.38 -28.04
N SER A 189 18.30 -0.28 -26.85
CA SER A 189 17.79 0.60 -25.80
C SER A 189 17.87 2.06 -26.23
N ILE A 190 16.73 2.74 -26.20
CA ILE A 190 16.66 4.20 -26.29
C ILE A 190 16.58 4.74 -24.87
N PRO A 191 17.44 5.68 -24.49
CA PRO A 191 17.37 6.23 -23.14
C PRO A 191 16.04 6.90 -22.83
N ALA A 192 15.71 6.96 -21.55
CA ALA A 192 14.40 7.45 -21.15
C ALA A 192 14.26 8.94 -21.49
N LEU A 193 13.01 9.39 -21.50
CA LEU A 193 12.72 10.82 -21.67
C LEU A 193 13.43 11.64 -20.61
N GLN A 194 13.38 11.16 -19.37
CA GLN A 194 14.00 11.84 -18.26
C GLN A 194 15.48 12.07 -18.52
N SER A 195 16.15 11.10 -19.13
CA SER A 195 17.57 11.23 -19.40
C SER A 195 17.87 12.17 -20.55
N LEU A 196 16.87 12.48 -21.38
CA LEU A 196 16.99 13.49 -22.43
C LEU A 196 16.51 14.85 -22.00
N ASP A 197 15.88 14.96 -20.84
CA ASP A 197 15.35 16.24 -20.36
C ASP A 197 16.43 17.06 -19.70
N ARG A 198 16.52 18.34 -20.06
CA ARG A 198 17.46 19.26 -19.42
C ARG A 198 16.85 20.09 -18.31
N PHE A 199 15.53 20.10 -18.18
CA PHE A 199 14.82 21.09 -17.38
C PHE A 199 13.97 20.48 -16.27
N GLN A 200 14.07 19.17 -16.07
CA GLN A 200 13.41 18.49 -14.97
C GLN A 200 11.90 18.74 -14.97
N ASN A 201 11.29 18.42 -16.09
CA ASN A 201 9.83 18.45 -16.21
C ASN A 201 9.24 17.06 -16.15
N VAL A 202 10.06 16.05 -15.90
CA VAL A 202 9.70 14.65 -16.07
C VAL A 202 9.70 13.94 -14.73
N ILE A 203 8.59 13.31 -14.41
CA ILE A 203 8.44 12.38 -13.32
C ILE A 203 8.65 11.00 -13.91
N TYR A 204 9.80 10.39 -13.70
CA TYR A 204 9.98 9.02 -14.14
C TYR A 204 9.35 8.06 -13.15
N MET A 205 8.58 7.10 -13.65
CA MET A 205 8.00 6.06 -12.81
C MET A 205 8.35 4.71 -13.38
N GLY A 206 8.72 3.79 -12.49
CA GLY A 206 9.05 2.45 -12.91
C GLY A 206 8.43 1.46 -11.95
N THR A 207 8.49 0.19 -12.31
CA THR A 207 7.90 -0.81 -11.45
C THR A 207 8.70 -2.09 -11.59
N PHE A 208 8.52 -2.98 -10.62
CA PHE A 208 9.15 -4.28 -10.65
C PHE A 208 8.12 -5.37 -10.88
N SER A 209 6.90 -5.02 -11.25
CA SER A 209 5.87 -6.02 -11.49
C SER A 209 6.30 -7.02 -12.54
N LYS A 210 6.92 -6.54 -13.62
CA LYS A 210 7.24 -7.45 -14.72
C LYS A 210 8.62 -8.07 -14.60
N SER A 211 9.59 -7.30 -14.13
CA SER A 211 10.91 -7.85 -13.85
C SER A 211 10.91 -8.85 -12.70
N LEU A 212 9.84 -8.90 -11.91
CA LEU A 212 9.66 -9.76 -10.74
C LEU A 212 8.23 -10.30 -10.78
N LEU A 213 7.67 -10.64 -9.61
CA LEU A 213 6.26 -10.97 -9.67
C LEU A 213 5.39 -9.73 -9.44
N PRO A 214 4.21 -9.64 -10.09
CA PRO A 214 3.27 -8.56 -9.74
C PRO A 214 2.78 -8.60 -8.31
N GLY A 215 2.67 -9.80 -7.73
CA GLY A 215 2.20 -9.90 -6.35
C GLY A 215 3.18 -9.38 -5.33
N LEU A 216 4.38 -8.98 -5.76
CA LEU A 216 5.38 -8.48 -4.83
C LEU A 216 5.13 -7.01 -4.49
N ARG A 217 4.43 -6.27 -5.36
CA ARG A 217 3.92 -4.92 -5.07
C ARG A 217 5.03 -3.94 -4.73
N ILE A 218 5.84 -3.61 -5.74
CA ILE A 218 6.83 -2.55 -5.58
C ILE A 218 7.01 -1.79 -6.89
N SER A 219 7.00 -0.46 -6.78
CA SER A 219 7.25 0.48 -7.86
C SER A 219 7.95 1.70 -7.25
N TYR A 220 8.25 2.70 -8.08
CA TYR A 220 8.97 3.87 -7.57
C TYR A 220 8.84 5.03 -8.55
N MET A 221 8.99 6.24 -8.04
CA MET A 221 8.95 7.42 -8.89
C MET A 221 10.02 8.40 -8.42
N VAL A 222 10.48 9.22 -9.36
CA VAL A 222 11.59 10.13 -9.16
C VAL A 222 11.08 11.54 -9.36
N LEU A 223 11.06 12.23 -8.42
CA LEU A 223 10.41 13.53 -8.49
C LEU A 223 11.37 14.63 -8.92
N PRO A 224 10.87 15.63 -9.64
CA PRO A 224 11.60 16.90 -9.76
C PRO A 224 11.73 17.56 -8.40
N PRO A 225 12.88 18.18 -8.11
CA PRO A 225 13.07 18.76 -6.76
C PRO A 225 11.97 19.71 -6.32
N GLU A 226 11.30 20.41 -7.22
CA GLU A 226 10.15 21.20 -6.80
C GLU A 226 9.05 20.32 -6.23
N LEU A 227 8.72 19.23 -6.94
CA LEU A 227 7.69 18.33 -6.43
C LEU A 227 8.18 17.57 -5.20
N LEU A 228 9.47 17.26 -5.15
CA LEU A 228 10.03 16.66 -3.96
C LEU A 228 9.89 17.58 -2.76
N ARG A 229 10.10 18.88 -2.97
CA ARG A 229 9.88 19.82 -1.88
C ARG A 229 8.44 19.77 -1.43
N ALA A 230 7.51 19.78 -2.39
CA ALA A 230 6.10 19.70 -2.05
C ALA A 230 5.79 18.43 -1.28
N TYR A 231 6.51 17.36 -1.57
CA TYR A 231 6.32 16.11 -0.84
C TYR A 231 6.79 16.25 0.60
N LYS A 232 8.02 16.71 0.79
CA LYS A 232 8.57 16.77 2.14
C LYS A 232 7.75 17.67 3.05
N GLN A 233 7.05 18.64 2.47
CA GLN A 233 6.25 19.58 3.21
C GLN A 233 4.98 18.95 3.74
N ARG A 234 4.65 17.73 3.33
CA ARG A 234 3.43 17.08 3.81
C ARG A 234 3.54 16.69 5.28
N GLY A 235 4.53 15.88 5.61
CA GLY A 235 4.84 15.58 6.98
C GLY A 235 4.07 14.44 7.62
N TYR A 236 3.23 13.73 6.88
CA TYR A 236 2.45 12.69 7.50
C TYR A 236 2.44 11.36 6.75
N ASP A 237 3.10 11.27 5.60
CA ASP A 237 3.01 10.05 4.80
C ASP A 237 3.80 8.90 5.41
N LEU A 238 3.31 7.69 5.18
CA LEU A 238 3.97 6.50 5.67
C LEU A 238 4.25 5.57 4.49
N GLN A 239 5.37 4.86 4.59
CA GLN A 239 5.75 3.93 3.54
C GLN A 239 4.76 2.79 3.46
N THR A 240 4.39 2.43 2.23
CA THR A 240 3.45 1.35 1.99
C THR A 240 4.11 0.02 1.70
N CYS A 241 5.40 0.03 1.39
CA CYS A 241 6.14 -1.19 1.15
CA CYS A 241 6.13 -1.21 1.17
C CYS A 241 6.75 -1.69 2.46
N SER A 242 6.60 -2.98 2.70
CA SER A 242 7.17 -3.61 3.87
C SER A 242 8.68 -3.46 3.85
N SER A 243 9.26 -3.26 5.02
CA SER A 243 10.70 -3.01 5.10
C SER A 243 11.49 -4.21 4.61
N LEU A 244 11.11 -5.41 5.04
CA LEU A 244 11.73 -6.61 4.49
C LEU A 244 11.64 -6.66 2.99
N THR A 245 10.48 -6.34 2.42
CA THR A 245 10.37 -6.42 0.97
C THR A 245 11.37 -5.48 0.33
N GLN A 246 11.50 -4.28 0.87
CA GLN A 246 12.50 -3.33 0.40
C GLN A 246 13.91 -3.90 0.50
N LEU A 247 14.21 -4.55 1.61
CA LEU A 247 15.57 -5.01 1.85
C LEU A 247 15.87 -6.23 1.01
N THR A 248 14.89 -7.11 0.84
CA THR A 248 15.04 -8.26 -0.05
C THR A 248 15.29 -7.79 -1.46
N LEU A 249 14.56 -6.76 -1.90
CA LEU A 249 14.87 -6.18 -3.20
C LEU A 249 16.28 -5.64 -3.25
N GLN A 250 16.71 -4.94 -2.20
CA GLN A 250 18.04 -4.34 -2.21
C GLN A 250 19.13 -5.40 -2.29
N GLU A 251 18.95 -6.50 -1.56
CA GLU A 251 19.88 -7.62 -1.66
C GLU A 251 19.84 -8.24 -3.05
N PHE A 252 18.64 -8.50 -3.56
CA PHE A 252 18.45 -9.11 -4.87
C PHE A 252 19.15 -8.32 -5.95
N ILE A 253 19.04 -7.00 -5.89
CA ILE A 253 19.78 -6.15 -6.80
C ILE A 253 21.26 -6.27 -6.56
N GLU A 254 21.68 -6.04 -5.31
CA GLU A 254 23.08 -5.81 -4.99
C GLU A 254 23.89 -7.09 -4.99
N SER A 255 23.23 -8.24 -4.86
CA SER A 255 23.91 -9.51 -5.07
C SER A 255 24.18 -9.79 -6.53
N GLY A 256 23.57 -9.03 -7.44
CA GLY A 256 23.63 -9.30 -8.86
C GLY A 256 22.60 -10.29 -9.37
N GLU A 257 21.73 -10.78 -8.49
CA GLU A 257 20.70 -11.71 -8.91
C GLU A 257 19.73 -11.08 -9.89
N TYR A 258 19.48 -9.79 -9.76
CA TYR A 258 18.53 -9.13 -10.63
C TYR A 258 19.06 -9.02 -12.04
N GLN A 259 20.32 -8.66 -12.19
CA GLN A 259 20.92 -8.57 -13.53
C GLN A 259 20.99 -9.94 -14.19
N LYS A 260 21.36 -10.96 -13.43
CA LYS A 260 21.34 -12.34 -13.94
C LYS A 260 19.96 -12.72 -14.43
N HIS A 261 18.95 -12.51 -13.58
CA HIS A 261 17.56 -12.75 -13.94
C HIS A 261 17.18 -12.06 -15.24
N ILE A 262 17.42 -10.75 -15.32
CA ILE A 262 16.96 -10.01 -16.48
C ILE A 262 17.66 -10.51 -17.74
N LYS A 263 18.96 -10.72 -17.67
CA LYS A 263 19.68 -11.13 -18.88
C LYS A 263 19.10 -12.43 -19.42
N LYS A 264 18.96 -13.42 -18.54
CA LYS A 264 18.42 -14.70 -18.96
C LYS A 264 17.01 -14.53 -19.51
N MET A 265 16.20 -13.70 -18.86
CA MET A 265 14.81 -13.57 -19.26
C MET A 265 14.68 -12.86 -20.59
N LYS A 266 15.57 -11.92 -20.86
CA LYS A 266 15.57 -11.27 -22.18
C LYS A 266 15.85 -12.28 -23.28
N GLN A 267 16.83 -13.15 -23.08
CA GLN A 267 17.10 -14.14 -24.12
C GLN A 267 15.86 -15.02 -24.32
N HIS A 268 15.26 -15.46 -23.21
CA HIS A 268 14.11 -16.35 -23.25
C HIS A 268 12.91 -15.71 -23.95
N TYR A 269 12.59 -14.47 -23.60
CA TYR A 269 11.43 -13.80 -24.20
C TYR A 269 11.64 -13.46 -25.67
N LYS A 270 12.88 -13.11 -26.05
CA LYS A 270 13.17 -12.88 -27.47
C LYS A 270 12.85 -14.14 -28.28
N GLU A 271 13.37 -15.29 -27.83
CA GLU A 271 13.14 -16.54 -28.57
C GLU A 271 11.66 -16.90 -28.59
N LYS A 272 10.96 -16.73 -27.46
CA LYS A 272 9.55 -17.08 -27.40
C LYS A 272 8.71 -16.19 -28.31
N ARG A 273 9.05 -14.90 -28.43
CA ARG A 273 8.32 -14.02 -29.32
C ARG A 273 8.56 -14.37 -30.79
N GLU A 274 9.79 -14.72 -31.15
CA GLU A 274 10.01 -15.24 -32.50
C GLU A 274 9.17 -16.47 -32.77
N ARG A 275 9.21 -17.46 -31.87
CA ARG A 275 8.43 -18.68 -32.08
C ARG A 275 6.94 -18.37 -32.21
N LEU A 276 6.41 -17.50 -31.36
CA LEU A 276 5.00 -17.20 -31.41
C LEU A 276 4.64 -16.51 -32.72
N ILE A 277 5.47 -15.59 -33.20
CA ILE A 277 5.14 -14.93 -34.45
C ILE A 277 5.17 -15.92 -35.60
N THR A 278 6.15 -16.82 -35.59
CA THR A 278 6.19 -17.83 -36.65
C THR A 278 4.97 -18.74 -36.59
N ALA A 279 4.55 -19.14 -35.40
CA ALA A 279 3.34 -19.95 -35.27
C ALA A 279 2.11 -19.17 -35.72
N LEU A 280 2.13 -17.86 -35.50
CA LEU A 280 1.00 -17.04 -35.89
C LEU A 280 0.89 -16.93 -37.39
N GLU A 281 2.03 -16.77 -38.07
CA GLU A 281 2.02 -16.68 -39.52
C GLU A 281 1.70 -18.01 -40.16
N ALA A 282 2.13 -19.12 -39.54
CA ALA A 282 1.74 -20.41 -40.09
C ALA A 282 0.24 -20.64 -39.96
N GLU A 283 -0.31 -20.44 -38.76
CA GLU A 283 -1.71 -20.76 -38.56
C GLU A 283 -2.61 -19.80 -39.30
N PHE A 284 -2.25 -18.53 -39.34
CA PHE A 284 -3.10 -17.52 -39.95
C PHE A 284 -2.58 -17.08 -41.30
N SER A 285 -1.54 -17.74 -41.80
CA SER A 285 -1.16 -17.73 -43.21
C SER A 285 -0.75 -16.35 -43.71
N GLY A 286 -0.83 -15.34 -42.85
CA GLY A 286 -0.72 -13.96 -43.29
C GLY A 286 -2.03 -13.19 -43.30
N GLU A 287 -3.10 -13.73 -42.69
CA GLU A 287 -4.36 -13.04 -42.50
C GLU A 287 -4.48 -12.46 -41.09
N VAL A 288 -3.36 -12.35 -40.38
CA VAL A 288 -3.22 -11.65 -39.11
C VAL A 288 -2.20 -10.54 -39.30
N THR A 289 -2.49 -9.36 -38.76
CA THR A 289 -1.53 -8.27 -38.77
C THR A 289 -1.03 -8.04 -37.36
N VAL A 290 0.28 -8.21 -37.15
CA VAL A 290 0.91 -8.05 -35.84
C VAL A 290 1.56 -6.68 -35.77
N LYS A 291 1.44 -6.02 -34.62
CA LYS A 291 1.90 -4.65 -34.45
C LYS A 291 2.53 -4.49 -33.06
N GLY A 292 3.52 -3.61 -32.99
CA GLY A 292 4.18 -3.26 -31.74
C GLY A 292 4.95 -4.36 -31.02
N ALA A 293 5.70 -5.18 -31.74
CA ALA A 293 6.39 -6.32 -31.14
C ALA A 293 7.89 -6.07 -31.01
N ASN A 294 8.32 -4.81 -31.05
CA ASN A 294 9.74 -4.50 -31.03
C ASN A 294 10.36 -4.76 -29.66
N ALA A 295 9.55 -4.78 -28.62
CA ALA A 295 10.06 -4.72 -27.26
C ALA A 295 9.00 -5.31 -26.35
N GLY A 296 9.32 -5.37 -25.06
CA GLY A 296 8.31 -5.68 -24.07
C GLY A 296 7.82 -7.11 -24.18
N LEU A 297 6.68 -7.37 -23.52
CA LEU A 297 6.19 -8.73 -23.37
C LEU A 297 4.83 -8.93 -24.04
N HIS A 298 4.48 -8.09 -25.01
CA HIS A 298 3.21 -8.26 -25.66
C HIS A 298 3.28 -7.66 -27.05
N PHE A 299 2.31 -8.04 -27.89
CA PHE A 299 2.06 -7.34 -29.14
C PHE A 299 0.58 -7.35 -29.44
N VAL A 300 0.21 -6.69 -30.51
CA VAL A 300 -1.17 -6.56 -30.96
C VAL A 300 -1.33 -7.40 -32.21
N THR A 301 -2.43 -8.14 -32.30
CA THR A 301 -2.81 -8.80 -33.54
C THR A 301 -4.19 -8.35 -33.93
N GLU A 302 -4.34 -7.90 -35.17
CA GLU A 302 -5.64 -7.59 -35.73
C GLU A 302 -5.95 -8.63 -36.78
N PHE A 303 -7.16 -9.15 -36.71
CA PHE A 303 -7.65 -10.15 -37.63
C PHE A 303 -8.79 -9.55 -38.44
N ASP A 304 -9.46 -10.40 -39.21
CA ASP A 304 -10.61 -9.94 -39.95
C ASP A 304 -11.64 -11.04 -39.98
N THR A 305 -12.83 -10.73 -39.48
CA THR A 305 -13.88 -11.73 -39.26
C THR A 305 -15.22 -11.00 -39.15
N ARG A 306 -16.28 -11.75 -39.40
CA ARG A 306 -17.65 -11.31 -39.17
C ARG A 306 -18.10 -11.56 -37.74
N ARG A 307 -17.18 -12.02 -36.90
CA ARG A 307 -17.39 -12.16 -35.48
C ARG A 307 -17.07 -10.84 -34.77
N THR A 308 -17.94 -10.42 -33.87
CA THR A 308 -17.64 -9.27 -33.03
C THR A 308 -16.53 -9.63 -32.05
N GLU A 309 -15.74 -8.63 -31.65
CA GLU A 309 -14.70 -8.87 -30.66
C GLU A 309 -15.28 -9.55 -29.43
N GLN A 310 -16.48 -9.14 -29.03
CA GLN A 310 -17.04 -9.64 -27.77
C GLN A 310 -17.35 -11.13 -27.88
N ASP A 311 -17.83 -11.56 -29.04
CA ASP A 311 -18.14 -12.97 -29.26
C ASP A 311 -16.88 -13.79 -29.49
N ILE A 312 -15.88 -13.22 -30.16
CA ILE A 312 -14.59 -13.89 -30.22
C ILE A 312 -14.05 -14.13 -28.82
N LEU A 313 -14.15 -13.13 -27.95
CA LEU A 313 -13.66 -13.29 -26.59
C LEU A 313 -14.45 -14.36 -25.85
N SER A 314 -15.78 -14.28 -25.94
CA SER A 314 -16.64 -15.27 -25.31
C SER A 314 -16.30 -16.66 -25.78
N HIS A 315 -15.88 -16.80 -27.03
CA HIS A 315 -15.58 -18.12 -27.55
C HIS A 315 -14.15 -18.56 -27.29
N ALA A 316 -13.23 -17.63 -27.08
CA ALA A 316 -11.89 -18.04 -26.66
C ALA A 316 -11.89 -18.48 -25.22
N ALA A 317 -12.73 -17.87 -24.38
CA ALA A 317 -12.79 -18.30 -22.99
C ALA A 317 -13.36 -19.71 -22.87
N GLY A 318 -14.14 -20.15 -23.85
CA GLY A 318 -14.62 -21.51 -23.84
C GLY A 318 -13.56 -22.52 -24.18
N LEU A 319 -12.67 -22.17 -25.09
CA LEU A 319 -11.55 -23.02 -25.43
C LEU A 319 -10.45 -22.94 -24.39
N GLN A 320 -10.69 -22.24 -23.28
CA GLN A 320 -9.70 -22.02 -22.24
C GLN A 320 -8.42 -21.38 -22.79
N LEU A 321 -8.60 -20.29 -23.53
CA LEU A 321 -7.49 -19.44 -23.88
C LEU A 321 -7.73 -18.12 -23.20
N GLU A 322 -6.70 -17.62 -22.53
CA GLU A 322 -6.79 -16.38 -21.78
C GLU A 322 -6.16 -15.30 -22.65
N ILE A 323 -6.96 -14.29 -22.98
CA ILE A 323 -6.60 -13.32 -24.00
C ILE A 323 -7.55 -12.15 -23.79
N PHE A 324 -7.15 -10.96 -24.25
CA PHE A 324 -7.96 -9.78 -24.02
C PHE A 324 -8.09 -8.95 -25.29
N GLY A 325 -9.08 -8.08 -25.27
CA GLY A 325 -9.41 -7.28 -26.42
C GLY A 325 -8.84 -5.88 -26.29
N MET A 326 -8.49 -5.31 -27.43
CA MET A 326 -8.04 -3.93 -27.43
C MET A 326 -9.14 -2.99 -26.96
N SER A 327 -10.42 -3.36 -27.14
CA SER A 327 -11.53 -2.49 -26.79
C SER A 327 -11.59 -2.21 -25.31
N ARG A 328 -10.89 -3.03 -24.53
CA ARG A 328 -10.75 -2.86 -23.10
C ARG A 328 -10.01 -1.58 -22.76
N PHE A 329 -9.09 -1.16 -23.63
CA PHE A 329 -8.18 -0.06 -23.37
C PHE A 329 -8.67 1.25 -23.92
N ASN A 330 -9.90 1.31 -24.43
CA ASN A 330 -10.53 2.60 -24.63
C ASN A 330 -10.61 3.30 -23.30
N LEU A 331 -10.23 4.56 -23.26
CA LEU A 331 -10.47 5.37 -22.06
C LEU A 331 -11.87 5.96 -22.21
N LYS A 332 -12.02 6.80 -23.23
CA LYS A 332 -13.19 7.58 -23.52
C LYS A 332 -13.43 7.41 -25.01
N THR A 338 -17.19 -0.36 -33.04
CA THR A 338 -15.80 -0.74 -33.28
C THR A 338 -15.55 -0.80 -34.81
N GLY A 339 -14.41 -1.34 -35.27
CA GLY A 339 -14.15 -1.41 -36.70
C GLY A 339 -13.50 -2.67 -37.24
N ARG A 340 -12.93 -3.50 -36.39
CA ARG A 340 -12.21 -4.72 -36.78
C ARG A 340 -11.86 -5.43 -35.47
N PRO A 341 -11.46 -6.69 -35.48
CA PRO A 341 -10.96 -7.27 -34.22
C PRO A 341 -9.47 -7.05 -34.06
N ALA A 342 -9.12 -6.46 -32.91
CA ALA A 342 -7.75 -6.35 -32.45
C ALA A 342 -7.66 -6.98 -31.06
N LEU A 343 -6.58 -7.72 -30.83
CA LEU A 343 -6.37 -8.43 -29.58
C LEU A 343 -4.96 -8.22 -29.09
N ILE A 344 -4.81 -8.33 -27.78
CA ILE A 344 -3.53 -8.19 -27.13
C ILE A 344 -3.00 -9.58 -26.78
N ILE A 345 -1.83 -9.90 -27.32
CA ILE A 345 -1.16 -11.16 -27.11
C ILE A 345 0.02 -10.90 -26.18
N GLY A 346 -0.11 -11.34 -24.94
CA GLY A 346 1.00 -11.32 -24.02
C GLY A 346 1.59 -12.72 -23.96
N PHE A 347 2.90 -12.78 -24.07
CA PHE A 347 3.63 -14.03 -24.00
C PHE A 347 4.50 -14.10 -22.75
N ALA A 348 4.13 -13.38 -21.70
CA ALA A 348 4.85 -13.54 -20.45
C ALA A 348 4.56 -14.90 -19.83
N ARG A 349 3.28 -15.26 -19.70
CA ARG A 349 2.91 -16.49 -19.03
C ARG A 349 2.63 -17.62 -19.98
N LEU A 350 2.61 -17.35 -21.28
CA LEU A 350 2.41 -18.35 -22.30
C LEU A 350 3.50 -19.41 -22.30
N LYS A 351 3.15 -20.64 -21.94
CA LYS A 351 4.14 -21.70 -21.88
C LYS A 351 4.71 -22.00 -23.27
N GLU A 352 6.00 -22.27 -23.32
CA GLU A 352 6.67 -22.44 -24.61
C GLU A 352 6.23 -23.73 -25.29
N GLU A 353 5.84 -24.74 -24.54
CA GLU A 353 5.35 -25.95 -25.16
C GLU A 353 3.93 -25.81 -25.66
N ASP A 354 3.22 -24.75 -25.23
CA ASP A 354 1.81 -24.56 -25.53
C ASP A 354 1.55 -23.56 -26.64
N ILE A 355 2.53 -23.35 -27.54
CA ILE A 355 2.37 -22.31 -28.55
C ILE A 355 1.40 -22.75 -29.63
N GLN A 356 1.75 -23.82 -30.35
CA GLN A 356 0.92 -24.31 -31.44
C GLN A 356 -0.50 -24.55 -30.96
N GLU A 357 -0.67 -25.42 -29.97
CA GLU A 357 -1.96 -25.58 -29.32
C GLU A 357 -2.60 -24.22 -29.05
N GLY A 358 -1.86 -23.31 -28.42
CA GLY A 358 -2.43 -22.01 -28.13
C GLY A 358 -2.84 -21.28 -29.38
N VAL A 359 -1.96 -21.22 -30.37
CA VAL A 359 -2.30 -20.50 -31.58
C VAL A 359 -3.49 -21.17 -32.24
N GLN A 360 -3.57 -22.49 -32.15
CA GLN A 360 -4.71 -23.20 -32.69
C GLN A 360 -6.00 -22.76 -32.01
N ARG A 361 -5.99 -22.70 -30.68
CA ARG A 361 -7.17 -22.23 -29.95
C ARG A 361 -7.53 -20.82 -30.36
N LEU A 362 -6.56 -20.10 -30.92
CA LEU A 362 -6.83 -18.75 -31.40
C LEU A 362 -7.56 -18.80 -32.74
N PHE A 363 -7.06 -19.62 -33.66
CA PHE A 363 -7.69 -19.74 -34.97
C PHE A 363 -9.15 -20.17 -34.82
N LYS A 364 -9.40 -21.25 -34.07
CA LYS A 364 -10.78 -21.69 -33.85
C LYS A 364 -11.60 -20.64 -33.11
N ALA A 365 -10.97 -19.82 -32.27
CA ALA A 365 -11.74 -18.74 -31.67
C ALA A 365 -11.86 -17.56 -32.61
N VAL A 366 -10.88 -17.38 -33.49
CA VAL A 366 -11.03 -16.37 -34.53
C VAL A 366 -12.12 -16.78 -35.50
N TYR A 367 -12.13 -18.04 -35.90
CA TYR A 367 -12.99 -18.47 -36.99
C TYR A 367 -14.05 -19.47 -36.54
N GLY A 368 -13.66 -20.59 -35.95
CA GLY A 368 -14.57 -21.68 -35.64
C GLY A 368 -14.05 -23.01 -36.14
N HIS A 369 -12.80 -23.06 -36.60
CA HIS A 369 -12.21 -24.28 -37.20
C HIS A 369 -10.70 -24.17 -37.44
N SER B 5 24.13 3.96 24.48
CA SER B 5 23.80 2.54 24.32
C SER B 5 23.00 1.93 25.45
N ASP B 6 22.75 2.67 26.52
CA ASP B 6 22.09 2.11 27.71
C ASP B 6 20.72 2.73 27.88
N TRP B 7 19.97 2.81 26.79
CA TRP B 7 18.65 3.39 26.79
C TRP B 7 17.63 2.40 27.37
N ILE B 8 16.63 2.95 28.04
CA ILE B 8 15.45 2.21 28.44
C ILE B 8 14.26 2.92 27.81
N SER B 9 13.39 2.17 27.14
CA SER B 9 12.32 2.79 26.39
C SER B 9 10.99 2.56 27.08
N PHE B 10 10.30 3.66 27.37
CA PHE B 10 8.92 3.65 27.82
C PHE B 10 8.04 4.14 26.68
N SER B 11 8.44 3.75 25.47
CA SER B 11 7.71 4.08 24.25
C SER B 11 6.60 3.08 23.96
N HIS B 12 5.48 3.63 23.49
CA HIS B 12 4.40 2.86 22.88
C HIS B 12 4.73 2.43 21.45
N MET B 13 5.41 3.31 20.68
CA MET B 13 5.81 3.10 19.29
C MET B 13 6.68 1.88 19.08
N SER B 14 7.12 1.23 20.15
CA SER B 14 8.10 0.17 20.05
C SER B 14 7.41 -1.15 19.74
N SER B 15 8.17 -2.06 19.13
CA SER B 15 7.64 -3.37 18.78
C SER B 15 8.69 -4.44 19.02
N ASP B 16 8.31 -5.46 19.78
CA ASP B 16 9.14 -6.63 19.99
C ASP B 16 9.57 -7.21 18.66
N THR B 17 10.87 -7.15 18.40
CA THR B 17 11.48 -7.98 17.40
C THR B 17 12.01 -9.27 18.00
N ASP B 18 12.31 -9.25 19.30
CA ASP B 18 13.03 -10.34 19.92
C ASP B 18 12.14 -11.55 20.13
N HIS B 19 10.89 -11.33 20.52
CA HIS B 19 9.98 -12.41 20.87
C HIS B 19 8.93 -12.59 19.80
N PHE B 20 9.17 -12.03 18.62
CA PHE B 20 8.40 -12.33 17.42
C PHE B 20 8.93 -13.58 16.73
N PRO B 21 8.15 -14.63 16.60
CA PRO B 21 8.68 -15.89 16.06
C PRO B 21 8.98 -15.81 14.57
N ILE B 22 10.06 -15.12 14.20
CA ILE B 22 10.30 -14.90 12.78
C ILE B 22 10.53 -16.21 12.03
N LYS B 23 10.99 -17.27 12.71
CA LYS B 23 11.12 -18.55 12.02
C LYS B 23 9.77 -19.16 11.71
N SER B 24 8.82 -19.06 12.63
CA SER B 24 7.48 -19.55 12.33
C SER B 24 6.87 -18.78 11.18
N TRP B 25 7.01 -17.45 11.19
CA TRP B 25 6.50 -16.65 10.08
C TRP B 25 7.12 -17.06 8.78
N PHE B 26 8.43 -17.28 8.77
CA PHE B 26 9.09 -17.67 7.53
C PHE B 26 8.67 -19.05 7.07
N ARG B 27 8.39 -19.97 7.99
CA ARG B 27 7.94 -21.30 7.60
C ARG B 27 6.50 -21.28 7.09
N CYS B 28 5.64 -20.44 7.67
CA CYS B 28 4.31 -20.21 7.11
C CYS B 28 4.42 -19.60 5.73
N GLU B 29 5.40 -18.73 5.54
CA GLU B 29 5.62 -18.13 4.23
C GLU B 29 5.99 -19.18 3.19
N GLN B 30 6.93 -20.07 3.50
CA GLN B 30 7.30 -21.06 2.50
C GLN B 30 6.20 -22.09 2.26
N LYS B 31 5.44 -22.43 3.29
CA LYS B 31 4.33 -23.36 3.12
C LYS B 31 3.26 -22.76 2.20
N ALA B 32 2.82 -21.54 2.52
CA ALA B 32 1.94 -20.83 1.61
C ALA B 32 2.51 -20.77 0.21
N ALA B 33 3.82 -20.57 0.06
CA ALA B 33 4.40 -20.41 -1.27
C ALA B 33 4.40 -21.71 -2.06
N SER B 34 4.81 -22.82 -1.45
CA SER B 34 4.76 -24.05 -2.23
C SER B 34 3.34 -24.41 -2.58
N ARG B 35 2.37 -24.05 -1.74
CA ARG B 35 1.02 -24.39 -2.14
C ARG B 35 0.46 -23.43 -3.20
N SER B 36 0.87 -22.15 -3.21
CA SER B 36 0.21 -21.15 -4.06
C SER B 36 1.15 -20.41 -5.00
N TYR B 37 2.26 -21.02 -5.41
CA TYR B 37 3.21 -20.32 -6.27
C TYR B 37 2.55 -19.81 -7.54
N ARG B 38 1.82 -20.69 -8.25
CA ARG B 38 1.35 -20.36 -9.58
C ARG B 38 0.38 -19.18 -9.59
N THR B 39 -0.14 -18.79 -8.44
CA THR B 39 -1.00 -17.62 -8.34
C THR B 39 -0.25 -16.36 -7.95
N LEU B 40 1.06 -16.45 -7.76
CA LEU B 40 1.84 -15.26 -7.44
C LEU B 40 2.26 -14.48 -8.67
N GLY B 41 2.14 -15.07 -9.87
CA GLY B 41 2.20 -14.31 -11.10
C GLY B 41 0.91 -13.61 -11.45
N ASP B 42 -0.14 -13.91 -10.71
CA ASP B 42 -1.43 -13.25 -10.85
C ASP B 42 -1.46 -12.03 -9.93
N MET B 43 -2.30 -11.08 -10.28
CA MET B 43 -2.60 -9.97 -9.38
C MET B 43 -3.72 -10.34 -8.42
N SER B 44 -3.57 -9.90 -7.17
CA SER B 44 -4.58 -10.15 -6.16
C SER B 44 -5.91 -9.56 -6.57
N HIS B 45 -6.96 -10.12 -6.02
CA HIS B 45 -8.23 -9.43 -6.04
C HIS B 45 -8.05 -8.07 -5.37
N PRO B 46 -8.66 -7.01 -5.89
CA PRO B 46 -8.42 -5.68 -5.32
C PRO B 46 -8.79 -5.56 -3.84
N GLN B 47 -9.87 -6.19 -3.39
CA GLN B 47 -10.14 -6.18 -1.96
C GLN B 47 -9.15 -7.03 -1.19
N GLY B 48 -8.33 -7.80 -1.86
CA GLY B 48 -7.56 -8.84 -1.22
C GLY B 48 -8.02 -10.23 -1.65
N ILE B 49 -7.10 -11.18 -1.58
CA ILE B 49 -7.41 -12.56 -1.87
C ILE B 49 -8.52 -13.01 -0.97
N TYR B 50 -9.53 -13.63 -1.56
CA TYR B 50 -10.77 -13.90 -0.85
C TYR B 50 -10.51 -14.71 0.40
N GLU B 51 -9.63 -15.69 0.32
CA GLU B 51 -9.45 -16.64 1.41
C GLU B 51 -8.70 -16.02 2.58
N VAL B 52 -7.87 -15.03 2.30
CA VAL B 52 -7.24 -14.27 3.38
C VAL B 52 -8.29 -13.45 4.11
N ARG B 53 -9.19 -12.83 3.35
CA ARG B 53 -10.31 -12.10 3.94
C ARG B 53 -11.19 -12.99 4.79
N ALA B 54 -11.40 -14.23 4.36
CA ALA B 54 -12.22 -15.16 5.15
C ALA B 54 -11.51 -15.58 6.43
N ALA B 55 -10.20 -15.84 6.35
CA ALA B 55 -9.48 -16.20 7.55
C ALA B 55 -9.58 -15.10 8.59
N ILE B 56 -9.31 -13.86 8.16
CA ILE B 56 -9.37 -12.72 9.07
C ILE B 56 -10.78 -12.55 9.62
N THR B 57 -11.79 -12.75 8.77
CA THR B 57 -13.16 -12.57 9.21
C THR B 57 -13.53 -13.57 10.28
N ARG B 58 -13.12 -14.83 10.12
CA ARG B 58 -13.37 -15.80 11.17
C ARG B 58 -12.67 -15.41 12.46
N LEU B 59 -11.41 -14.98 12.33
CA LEU B 59 -10.61 -14.54 13.47
C LEU B 59 -11.32 -13.44 14.24
N ILE B 60 -11.73 -12.38 13.54
CA ILE B 60 -12.22 -11.22 14.26
C ILE B 60 -13.64 -11.45 14.74
N SER B 61 -14.41 -12.28 14.06
CA SER B 61 -15.71 -12.63 14.61
C SER B 61 -15.54 -13.41 15.89
N LEU B 62 -14.52 -14.26 15.97
CA LEU B 62 -14.23 -14.93 17.23
C LEU B 62 -13.77 -13.95 18.29
N THR B 63 -12.63 -13.31 18.06
CA THR B 63 -11.95 -12.62 19.14
C THR B 63 -12.65 -11.32 19.53
N ARG B 64 -13.34 -10.66 18.60
CA ARG B 64 -13.93 -9.37 18.89
C ARG B 64 -15.43 -9.31 18.64
N GLY B 65 -16.08 -10.44 18.31
CA GLY B 65 -17.51 -10.42 18.05
C GLY B 65 -17.93 -9.67 16.81
N VAL B 66 -17.01 -9.46 15.87
CA VAL B 66 -17.31 -8.66 14.69
C VAL B 66 -18.18 -9.46 13.74
N LYS B 67 -19.25 -8.83 13.25
CA LYS B 67 -20.24 -9.47 12.40
C LYS B 67 -20.03 -8.96 10.98
N CYS B 68 -19.44 -9.80 10.13
CA CYS B 68 -19.15 -9.36 8.77
C CYS B 68 -18.87 -10.56 7.86
N ARG B 69 -18.99 -10.32 6.56
CA ARG B 69 -18.47 -11.25 5.56
C ARG B 69 -17.15 -10.78 4.98
N PRO B 70 -16.37 -11.70 4.42
CA PRO B 70 -15.17 -11.32 3.69
C PRO B 70 -15.46 -10.45 2.51
N GLU B 71 -16.68 -10.51 1.99
CA GLU B 71 -17.06 -9.66 0.88
C GLU B 71 -17.01 -8.19 1.25
N GLN B 72 -17.23 -7.87 2.53
CA GLN B 72 -17.24 -6.50 3.02
C GLN B 72 -15.87 -5.97 3.37
N MET B 73 -14.85 -6.79 3.39
CA MET B 73 -13.57 -6.42 3.94
C MET B 73 -12.62 -6.01 2.82
N ILE B 74 -11.83 -4.97 3.10
CA ILE B 74 -10.78 -4.49 2.21
C ILE B 74 -9.45 -4.51 2.93
N ILE B 75 -8.41 -4.96 2.23
CA ILE B 75 -7.02 -4.87 2.66
C ILE B 75 -6.29 -3.97 1.67
N GLY B 76 -5.40 -3.09 2.15
CA GLY B 76 -4.86 -2.91 3.48
C GLY B 76 -3.39 -2.86 3.87
N ALA B 77 -2.48 -2.26 3.11
CA ALA B 77 -1.08 -2.18 3.52
C ALA B 77 -0.85 -1.07 4.55
N GLY B 78 -1.50 -1.18 5.68
CA GLY B 78 -1.46 -0.09 6.63
C GLY B 78 -2.79 0.61 6.71
N THR B 79 -3.09 1.17 7.87
CA THR B 79 -4.41 1.73 8.10
C THR B 79 -4.58 3.08 7.45
N GLN B 80 -3.49 3.69 6.99
CA GLN B 80 -3.58 5.04 6.45
C GLN B 80 -4.03 5.04 4.99
N VAL B 81 -3.56 4.11 4.18
CA VAL B 81 -4.09 4.05 2.83
C VAL B 81 -5.56 3.61 2.83
N LEU B 82 -5.92 2.75 3.76
CA LEU B 82 -7.32 2.43 3.95
C LEU B 82 -8.09 3.68 4.34
N MET B 83 -7.51 4.50 5.23
CA MET B 83 -8.16 5.75 5.60
C MET B 83 -8.35 6.66 4.41
N GLN B 84 -7.32 6.81 3.59
CA GLN B 84 -7.42 7.71 2.44
C GLN B 84 -8.51 7.24 1.49
N LEU B 85 -8.50 5.96 1.18
CA LEU B 85 -9.59 5.39 0.40
C LEU B 85 -10.91 5.72 1.05
N LEU B 86 -10.97 5.58 2.36
CA LEU B 86 -12.23 5.78 3.06
C LEU B 86 -12.74 7.20 2.90
N THR B 87 -11.84 8.18 3.01
CA THR B 87 -12.26 9.56 2.82
C THR B 87 -12.75 9.78 1.41
N GLU B 88 -12.27 8.97 0.46
CA GLU B 88 -12.81 9.05 -0.88
C GLU B 88 -14.17 8.39 -1.02
N LEU B 89 -14.44 7.33 -0.26
CA LEU B 89 -15.76 6.71 -0.32
C LEU B 89 -16.82 7.54 0.39
N LEU B 90 -16.43 8.25 1.43
CA LEU B 90 -17.34 9.06 2.22
C LEU B 90 -17.66 10.33 1.45
N PRO B 91 -18.75 11.01 1.79
CA PRO B 91 -19.12 12.20 1.03
C PRO B 91 -17.99 13.20 1.02
N LYS B 92 -17.76 13.81 -0.13
CA LYS B 92 -16.62 14.71 -0.24
C LYS B 92 -16.72 15.85 0.76
N GLU B 93 -17.93 16.23 1.14
CA GLU B 93 -18.14 17.38 2.01
C GLU B 93 -18.27 16.98 3.48
N ALA B 94 -17.88 15.78 3.85
CA ALA B 94 -18.00 15.34 5.23
C ALA B 94 -17.13 16.18 6.16
N VAL B 95 -17.65 16.44 7.35
CA VAL B 95 -16.91 17.06 8.44
C VAL B 95 -16.49 15.94 9.37
N TYR B 96 -15.20 15.81 9.62
CA TYR B 96 -14.67 14.74 10.45
C TYR B 96 -14.54 15.18 11.88
N ALA B 97 -14.39 14.20 12.76
CA ALA B 97 -14.17 14.49 14.16
C ALA B 97 -13.20 13.47 14.72
N MET B 98 -12.25 13.95 15.50
CA MET B 98 -11.23 13.10 16.06
C MET B 98 -11.14 13.37 17.56
N GLU B 99 -10.76 12.35 18.33
CA GLU B 99 -10.59 12.51 19.76
C GLU B 99 -9.42 13.44 20.06
N GLU B 100 -9.48 14.09 21.21
CA GLU B 100 -8.40 14.95 21.69
C GLU B 100 -8.15 14.60 23.15
N PRO B 101 -7.02 13.99 23.50
CA PRO B 101 -5.84 13.64 22.69
C PRO B 101 -6.06 12.49 21.70
N GLY B 102 -5.32 12.47 20.60
CA GLY B 102 -5.48 11.43 19.60
C GLY B 102 -4.26 11.28 18.74
N TYR B 103 -4.49 10.97 17.48
CA TYR B 103 -3.44 10.61 16.52
C TYR B 103 -3.24 11.81 15.61
N ARG B 104 -2.19 12.57 15.86
CA ARG B 104 -1.98 13.78 15.07
C ARG B 104 -1.80 13.47 13.59
N ARG B 105 -1.25 12.30 13.26
CA ARG B 105 -1.03 11.94 11.87
C ARG B 105 -2.31 11.97 11.07
N MET B 106 -3.37 11.34 11.57
CA MET B 106 -4.58 11.31 10.79
C MET B 106 -5.20 12.68 10.70
N TYR B 107 -5.16 13.43 11.79
CA TYR B 107 -5.62 14.80 11.77
C TYR B 107 -4.98 15.54 10.63
N GLN B 108 -3.68 15.32 10.45
CA GLN B 108 -2.89 15.97 9.43
C GLN B 108 -3.28 15.50 8.03
N LEU B 109 -3.55 14.20 7.88
CA LEU B 109 -4.01 13.70 6.59
C LEU B 109 -5.33 14.36 6.22
N LEU B 110 -6.27 14.35 7.15
CA LEU B 110 -7.61 14.89 6.90
C LEU B 110 -7.57 16.37 6.56
N LYS B 111 -6.81 17.16 7.33
CA LYS B 111 -6.69 18.58 7.04
C LYS B 111 -5.98 18.82 5.72
N ASN B 112 -4.93 18.06 5.42
CA ASN B 112 -4.19 18.27 4.18
C ASN B 112 -5.04 17.90 2.98
N ALA B 113 -6.06 17.10 3.19
CA ALA B 113 -7.04 16.79 2.17
C ALA B 113 -8.07 17.89 1.99
N GLY B 114 -8.01 18.95 2.77
CA GLY B 114 -9.03 19.96 2.71
C GLY B 114 -10.27 19.68 3.54
N LYS B 115 -10.25 18.67 4.40
CA LYS B 115 -11.41 18.38 5.23
C LYS B 115 -11.39 19.24 6.48
N GLN B 116 -12.58 19.63 6.92
CA GLN B 116 -12.75 20.27 8.21
C GLN B 116 -12.83 19.18 9.25
N VAL B 117 -11.89 19.19 10.17
CA VAL B 117 -11.83 18.21 11.25
C VAL B 117 -12.16 18.94 12.54
N LYS B 118 -13.01 18.32 13.36
CA LYS B 118 -13.32 18.79 14.69
C LYS B 118 -12.55 17.92 15.69
N THR B 119 -12.09 18.54 16.77
CA THR B 119 -11.46 17.81 17.86
C THR B 119 -12.47 17.68 18.99
N ILE B 120 -12.61 16.46 19.51
CA ILE B 120 -13.66 16.11 20.47
C ILE B 120 -13.03 15.50 21.70
N MET B 121 -13.03 16.26 22.79
CA MET B 121 -12.42 15.89 24.06
C MET B 121 -13.09 14.66 24.65
N LEU B 122 -12.42 14.07 25.64
CA LEU B 122 -12.88 12.86 26.29
C LEU B 122 -13.39 13.19 27.69
N ASP B 123 -14.29 12.36 28.18
CA ASP B 123 -14.68 12.40 29.58
C ASP B 123 -14.45 10.98 30.06
N GLU B 124 -15.05 10.62 31.19
CA GLU B 124 -14.79 9.32 31.82
C GLU B 124 -15.24 8.14 30.97
N LYS B 125 -16.16 8.36 30.04
CA LYS B 125 -16.71 7.32 29.18
C LYS B 125 -16.17 7.38 27.74
N GLY B 126 -15.16 8.23 27.47
CA GLY B 126 -14.52 8.27 26.18
C GLY B 126 -14.88 9.49 25.37
N MET B 127 -14.87 9.40 24.04
CA MET B 127 -15.33 10.48 23.18
C MET B 127 -16.60 11.13 23.70
N SER B 128 -16.55 12.44 23.86
CA SER B 128 -17.66 13.20 24.45
C SER B 128 -18.79 13.33 23.43
N ILE B 129 -19.91 12.66 23.66
CA ILE B 129 -21.03 12.80 22.76
C ILE B 129 -21.67 14.17 22.96
N ALA B 130 -21.51 14.79 24.13
CA ALA B 130 -22.01 16.15 24.31
C ALA B 130 -21.26 17.13 23.41
N GLU B 131 -19.97 16.95 23.24
CA GLU B 131 -19.23 17.81 22.36
C GLU B 131 -19.48 17.48 20.89
N ILE B 132 -19.70 16.20 20.58
CA ILE B 132 -20.11 15.80 19.23
C ILE B 132 -21.42 16.45 18.85
N THR B 133 -22.37 16.42 19.77
CA THR B 133 -23.63 17.13 19.59
C THR B 133 -23.39 18.62 19.33
N ARG B 134 -22.56 19.24 20.16
CA ARG B 134 -22.36 20.69 20.07
C ARG B 134 -21.74 21.10 18.75
N GLN B 135 -20.61 20.49 18.37
CA GLN B 135 -19.84 20.90 17.20
C GLN B 135 -20.37 20.38 15.88
N GLN B 136 -21.24 19.37 15.90
CA GLN B 136 -21.96 18.85 14.73
C GLN B 136 -21.00 18.36 13.63
N PRO B 137 -20.31 17.23 13.84
CA PRO B 137 -19.60 16.60 12.73
C PRO B 137 -20.48 15.63 11.94
N ASP B 138 -19.93 15.00 10.90
CA ASP B 138 -20.62 13.93 10.18
C ASP B 138 -20.00 12.57 10.39
N VAL B 139 -18.67 12.50 10.48
CA VAL B 139 -17.92 11.25 10.59
C VAL B 139 -17.10 11.29 11.86
N LEU B 140 -17.22 10.26 12.69
CA LEU B 140 -16.46 10.13 13.92
C LEU B 140 -15.31 9.15 13.72
N VAL B 141 -14.15 9.48 14.26
CA VAL B 141 -13.02 8.58 14.33
C VAL B 141 -12.79 8.30 15.80
N THR B 142 -12.82 7.03 16.18
CA THR B 142 -12.86 6.70 17.58
C THR B 142 -12.11 5.38 17.82
N THR B 143 -11.62 5.24 19.04
CA THR B 143 -10.96 4.03 19.53
C THR B 143 -11.73 3.63 20.78
N PRO B 144 -12.84 2.90 20.62
CA PRO B 144 -13.67 2.58 21.79
C PRO B 144 -13.06 1.56 22.73
N SER B 145 -12.27 0.61 22.22
CA SER B 145 -11.81 -0.47 23.06
C SER B 145 -10.70 -0.04 24.00
N HIS B 146 -9.85 0.89 23.59
CA HIS B 146 -8.77 1.39 24.45
C HIS B 146 -8.36 2.75 23.89
N GLN B 147 -8.90 3.84 24.42
CA GLN B 147 -8.63 5.12 23.79
C GLN B 147 -7.14 5.41 23.73
N PHE B 148 -6.70 5.91 22.58
CA PHE B 148 -5.32 6.25 22.34
C PHE B 148 -5.15 7.75 22.41
N PRO B 149 -4.38 8.28 23.36
CA PRO B 149 -3.51 7.61 24.31
C PRO B 149 -4.05 7.47 25.73
N SER B 150 -5.27 7.87 26.02
CA SER B 150 -5.72 7.97 27.39
C SER B 150 -6.02 6.64 28.07
N GLY B 151 -6.06 5.54 27.32
CA GLY B 151 -6.39 4.28 27.94
C GLY B 151 -7.83 4.11 28.35
N THR B 152 -8.70 5.09 28.09
CA THR B 152 -10.10 4.96 28.51
C THR B 152 -10.83 3.97 27.62
N ILE B 153 -11.57 3.06 28.25
CA ILE B 153 -12.40 2.09 27.55
C ILE B 153 -13.84 2.62 27.51
N MET B 154 -14.36 2.79 26.31
CA MET B 154 -15.67 3.36 26.13
C MET B 154 -16.73 2.35 26.58
N PRO B 155 -17.55 2.68 27.56
CA PRO B 155 -18.57 1.74 28.02
C PRO B 155 -19.74 1.63 27.04
N VAL B 156 -20.52 0.57 27.26
CA VAL B 156 -21.60 0.23 26.33
C VAL B 156 -22.59 1.37 26.20
N SER B 157 -22.84 2.08 27.30
CA SER B 157 -23.78 3.21 27.24
C SER B 157 -23.30 4.27 26.28
N ARG B 158 -22.01 4.60 26.34
CA ARG B 158 -21.52 5.65 25.47
C ARG B 158 -21.47 5.17 24.03
N ARG B 159 -21.22 3.88 23.83
CA ARG B 159 -21.26 3.30 22.50
C ARG B 159 -22.64 3.43 21.89
N ILE B 160 -23.68 3.10 22.67
CA ILE B 160 -25.05 3.24 22.20
C ILE B 160 -25.41 4.69 21.94
N GLN B 161 -24.91 5.62 22.75
CA GLN B 161 -25.17 7.02 22.46
C GLN B 161 -24.57 7.41 21.13
N LEU B 162 -23.36 6.92 20.85
CA LEU B 162 -22.70 7.22 19.58
C LEU B 162 -23.47 6.63 18.41
N LEU B 163 -23.91 5.38 18.56
CA LEU B 163 -24.66 4.72 17.50
C LEU B 163 -25.99 5.43 17.26
N ASN B 164 -26.65 5.88 18.32
CA ASN B 164 -27.90 6.59 18.20
C ASN B 164 -27.71 7.89 17.44
N TRP B 165 -26.69 8.66 17.81
CA TRP B 165 -26.41 9.89 17.08
C TRP B 165 -26.26 9.61 15.60
N ALA B 166 -25.48 8.59 15.24
CA ALA B 166 -25.24 8.32 13.81
C ALA B 166 -26.53 7.89 13.10
N ALA B 167 -27.41 7.17 13.81
CA ALA B 167 -28.69 6.74 13.27
C ALA B 167 -29.63 7.90 12.99
N GLU B 168 -29.54 9.00 13.74
CA GLU B 168 -30.57 10.02 13.59
C GLU B 168 -30.49 10.88 12.32
N GLU B 169 -29.36 11.00 11.64
CA GLU B 169 -29.31 11.79 10.42
C GLU B 169 -28.50 11.12 9.33
N PRO B 170 -28.77 11.48 8.07
CA PRO B 170 -28.09 10.83 6.95
C PRO B 170 -26.63 11.22 6.85
N ARG B 171 -25.86 10.31 6.27
CA ARG B 171 -24.46 10.54 5.94
C ARG B 171 -23.59 10.65 7.18
N ARG B 172 -24.04 10.06 8.28
CA ARG B 172 -23.29 9.99 9.52
C ARG B 172 -22.68 8.60 9.68
N TYR B 173 -21.40 8.55 10.01
CA TYR B 173 -20.66 7.30 10.10
C TYR B 173 -19.71 7.35 11.27
N ILE B 174 -19.30 6.17 11.73
CA ILE B 174 -18.41 5.99 12.87
C ILE B 174 -17.27 5.08 12.45
N ILE B 175 -16.05 5.61 12.42
CA ILE B 175 -14.88 4.80 12.15
C ILE B 175 -14.36 4.27 13.48
N GLU B 176 -14.40 2.96 13.65
CA GLU B 176 -13.90 2.30 14.86
C GLU B 176 -12.51 1.76 14.57
N ASP B 177 -11.50 2.42 15.09
CA ASP B 177 -10.11 1.98 14.92
C ASP B 177 -9.78 1.05 16.07
N ASP B 178 -9.82 -0.25 15.82
CA ASP B 178 -9.47 -1.26 16.83
C ASP B 178 -7.96 -1.56 16.72
N TYR B 179 -7.18 -0.51 17.01
CA TYR B 179 -5.74 -0.49 16.79
C TYR B 179 -5.01 -1.35 17.82
N ASP B 180 -5.52 -1.42 19.05
CA ASP B 180 -4.79 -1.98 20.19
C ASP B 180 -5.50 -3.19 20.79
N SER B 181 -6.30 -3.87 20.00
CA SER B 181 -7.38 -4.71 20.51
C SER B 181 -6.95 -6.14 20.80
N GLU B 182 -5.74 -6.52 20.43
CA GLU B 182 -5.31 -7.90 20.61
C GLU B 182 -4.99 -8.20 22.06
N PHE B 183 -4.75 -7.17 22.88
CA PHE B 183 -4.32 -7.35 24.26
C PHE B 183 -5.26 -6.59 25.19
N THR B 184 -6.14 -7.31 25.88
CA THR B 184 -7.02 -6.76 26.93
C THR B 184 -7.02 -7.75 28.10
N TYR B 185 -6.26 -7.44 29.15
CA TYR B 185 -5.78 -8.48 30.05
C TYR B 185 -6.70 -8.94 31.19
N ASP B 186 -6.85 -8.10 32.21
CA ASP B 186 -7.52 -8.49 33.44
C ASP B 186 -8.85 -7.77 33.60
N VAL B 187 -9.35 -7.25 32.49
CA VAL B 187 -10.75 -6.88 32.32
C VAL B 187 -11.29 -7.80 31.23
N ASP B 188 -12.46 -8.37 31.47
CA ASP B 188 -13.10 -9.14 30.41
C ASP B 188 -13.39 -8.21 29.24
N SER B 189 -13.06 -8.66 28.03
CA SER B 189 -13.08 -7.76 26.88
C SER B 189 -14.51 -7.40 26.50
N ILE B 190 -14.72 -6.14 26.16
CA ILE B 190 -15.98 -5.68 25.59
C ILE B 190 -15.92 -6.00 24.11
N PRO B 191 -17.02 -6.41 23.49
CA PRO B 191 -17.03 -6.57 22.03
C PRO B 191 -16.87 -5.22 21.33
N ALA B 192 -16.48 -5.30 20.06
CA ALA B 192 -16.32 -4.08 19.30
C ALA B 192 -17.63 -3.31 19.23
N LEU B 193 -17.53 -1.99 19.03
CA LEU B 193 -18.68 -1.21 18.61
C LEU B 193 -19.42 -1.88 17.46
N GLN B 194 -18.66 -2.31 16.45
CA GLN B 194 -19.26 -2.84 15.24
C GLN B 194 -20.29 -3.91 15.54
N SER B 195 -20.01 -4.75 16.52
CA SER B 195 -20.94 -5.80 16.88
C SER B 195 -22.28 -5.26 17.36
N LEU B 196 -22.35 -4.02 17.79
CA LEU B 196 -23.61 -3.42 18.22
C LEU B 196 -24.30 -2.67 17.11
N ASP B 197 -23.68 -2.57 15.95
CA ASP B 197 -24.12 -1.69 14.88
C ASP B 197 -25.33 -2.30 14.18
N ARG B 198 -26.51 -1.84 14.56
CA ARG B 198 -27.74 -2.36 13.97
C ARG B 198 -28.00 -1.78 12.58
N PHE B 199 -27.67 -0.51 12.38
CA PHE B 199 -28.08 0.21 11.19
C PHE B 199 -26.94 0.41 10.22
N GLN B 200 -25.81 -0.23 10.46
CA GLN B 200 -24.68 -0.20 9.56
C GLN B 200 -24.19 1.22 9.33
N ASN B 201 -23.85 1.87 10.45
CA ASN B 201 -23.14 3.14 10.47
C ASN B 201 -21.64 2.99 10.74
N VAL B 202 -21.18 1.82 11.17
CA VAL B 202 -19.81 1.65 11.66
C VAL B 202 -18.94 1.07 10.57
N ILE B 203 -17.79 1.70 10.33
CA ILE B 203 -16.68 1.10 9.57
C ILE B 203 -15.67 0.57 10.57
N TYR B 204 -15.39 -0.72 10.52
CA TYR B 204 -14.43 -1.29 11.45
C TYR B 204 -13.04 -1.37 10.83
N MET B 205 -12.03 -0.84 11.50
CA MET B 205 -10.68 -1.00 10.99
C MET B 205 -9.79 -1.67 12.02
N GLY B 206 -9.09 -2.70 11.58
CA GLY B 206 -8.18 -3.41 12.44
C GLY B 206 -6.84 -3.52 11.75
N THR B 207 -5.85 -3.98 12.48
CA THR B 207 -4.55 -4.02 11.88
C THR B 207 -3.78 -5.14 12.55
N PHE B 208 -2.76 -5.63 11.86
CA PHE B 208 -1.86 -6.65 12.39
C PHE B 208 -0.51 -6.06 12.71
N SER B 209 -0.37 -4.74 12.57
CA SER B 209 0.90 -4.08 12.80
C SER B 209 1.30 -4.16 14.27
N LYS B 210 0.35 -3.91 15.17
CA LYS B 210 0.59 -4.06 16.59
C LYS B 210 0.83 -5.51 16.96
N SER B 211 0.05 -6.41 16.37
CA SER B 211 0.04 -7.80 16.82
C SER B 211 1.14 -8.64 16.20
N LEU B 212 1.80 -8.18 15.13
CA LEU B 212 2.99 -8.85 14.66
C LEU B 212 4.21 -7.92 14.61
N LEU B 213 4.20 -6.89 13.75
CA LEU B 213 5.33 -6.00 13.47
C LEU B 213 4.81 -4.76 12.74
N PRO B 214 5.45 -3.60 12.92
CA PRO B 214 5.01 -2.42 12.14
C PRO B 214 5.45 -2.49 10.69
N GLY B 215 6.66 -2.96 10.42
CA GLY B 215 7.20 -3.04 9.08
C GLY B 215 6.51 -4.03 8.18
N LEU B 216 5.56 -4.79 8.74
CA LEU B 216 4.88 -5.82 7.97
C LEU B 216 3.72 -5.27 7.16
N ARG B 217 3.13 -4.14 7.59
CA ARG B 217 2.21 -3.35 6.77
C ARG B 217 1.01 -4.17 6.26
N ILE B 218 0.15 -4.57 7.19
CA ILE B 218 -1.09 -5.21 6.75
C ILE B 218 -2.24 -4.86 7.68
N SER B 219 -3.23 -4.14 7.15
CA SER B 219 -4.37 -3.67 7.91
C SER B 219 -5.63 -3.89 7.09
N TYR B 220 -6.79 -3.70 7.70
CA TYR B 220 -8.00 -4.05 7.02
C TYR B 220 -9.14 -3.20 7.53
N MET B 221 -10.22 -3.18 6.76
CA MET B 221 -11.38 -2.37 7.11
C MET B 221 -12.64 -3.03 6.57
N VAL B 222 -13.68 -2.99 7.36
CA VAL B 222 -14.96 -3.61 7.10
C VAL B 222 -15.97 -2.49 6.84
N LEU B 223 -16.49 -2.44 5.60
CA LEU B 223 -17.31 -1.38 5.05
C LEU B 223 -18.79 -1.74 5.11
N PRO B 224 -19.65 -0.78 5.49
CA PRO B 224 -21.09 -1.01 5.38
C PRO B 224 -21.50 -1.10 3.93
N PRO B 225 -22.61 -1.79 3.63
CA PRO B 225 -22.92 -2.10 2.22
C PRO B 225 -22.99 -0.88 1.34
N GLU B 226 -23.46 0.24 1.86
CA GLU B 226 -23.53 1.41 1.00
C GLU B 226 -22.13 1.88 0.64
N LEU B 227 -21.20 1.78 1.58
CA LEU B 227 -19.83 2.19 1.31
C LEU B 227 -19.13 1.15 0.42
N LEU B 228 -19.44 -0.13 0.63
CA LEU B 228 -18.93 -1.17 -0.26
C LEU B 228 -19.41 -0.97 -1.69
N ARG B 229 -20.68 -0.59 -1.85
CA ARG B 229 -21.19 -0.24 -3.17
C ARG B 229 -20.41 0.93 -3.75
N ALA B 230 -20.21 1.97 -2.94
CA ALA B 230 -19.38 3.09 -3.36
C ALA B 230 -18.04 2.60 -3.87
N TYR B 231 -17.48 1.59 -3.21
CA TYR B 231 -16.15 1.12 -3.57
C TYR B 231 -16.15 0.33 -4.87
N LYS B 232 -17.13 -0.54 -5.05
CA LYS B 232 -17.16 -1.35 -6.26
C LYS B 232 -17.49 -0.49 -7.46
N GLN B 233 -18.20 0.61 -7.25
CA GLN B 233 -18.48 1.56 -8.30
C GLN B 233 -17.20 2.16 -8.86
N ARG B 234 -16.13 2.21 -8.07
CA ARG B 234 -14.90 2.81 -8.57
C ARG B 234 -14.29 1.97 -9.68
N GLY B 235 -14.10 0.68 -9.42
CA GLY B 235 -13.62 -0.20 -10.45
C GLY B 235 -12.19 -0.03 -10.88
N TYR B 236 -11.39 0.76 -10.17
CA TYR B 236 -10.02 0.94 -10.61
C TYR B 236 -8.98 0.62 -9.54
N ASP B 237 -9.40 0.17 -8.36
CA ASP B 237 -8.44 -0.04 -7.30
C ASP B 237 -7.66 -1.34 -7.48
N LEU B 238 -6.48 -1.37 -6.90
CA LEU B 238 -5.59 -2.51 -6.94
C LEU B 238 -5.05 -2.75 -5.54
N GLN B 239 -4.89 -4.01 -5.19
CA GLN B 239 -4.45 -4.38 -3.86
C GLN B 239 -3.02 -3.89 -3.61
N THR B 240 -2.84 -3.16 -2.52
CA THR B 240 -1.54 -2.64 -2.14
C THR B 240 -0.72 -3.62 -1.34
N CYS B 241 -1.35 -4.63 -0.77
CA CYS B 241 -0.70 -5.54 0.14
C CYS B 241 -0.15 -6.73 -0.63
N SER B 242 1.15 -6.98 -0.45
CA SER B 242 1.84 -8.04 -1.15
C SER B 242 1.10 -9.36 -1.00
N SER B 243 0.88 -10.04 -2.13
CA SER B 243 0.16 -11.30 -2.11
C SER B 243 0.90 -12.33 -1.28
N LEU B 244 2.23 -12.29 -1.32
CA LEU B 244 3.00 -13.14 -0.45
C LEU B 244 2.66 -12.88 1.00
N THR B 245 2.59 -11.61 1.37
CA THR B 245 2.31 -11.29 2.76
C THR B 245 0.93 -11.80 3.13
N GLN B 246 -0.04 -11.64 2.23
CA GLN B 246 -1.41 -12.08 2.48
C GLN B 246 -1.47 -13.57 2.71
N LEU B 247 -0.78 -14.33 1.89
CA LEU B 247 -0.81 -15.79 1.99
C LEU B 247 -0.09 -16.27 3.23
N THR B 248 1.05 -15.63 3.56
CA THR B 248 1.75 -15.96 4.79
C THR B 248 0.89 -15.70 5.99
N LEU B 249 0.14 -14.61 5.98
CA LEU B 249 -0.74 -14.34 7.10
C LEU B 249 -1.86 -15.36 7.19
N GLN B 250 -2.41 -15.77 6.05
CA GLN B 250 -3.48 -16.77 6.10
C GLN B 250 -2.96 -18.10 6.66
N GLU B 251 -1.78 -18.52 6.22
CA GLU B 251 -1.19 -19.73 6.81
C GLU B 251 -0.93 -19.54 8.29
N PHE B 252 -0.38 -18.40 8.67
CA PHE B 252 -0.06 -18.07 10.04
C PHE B 252 -1.29 -18.19 10.93
N ILE B 253 -2.41 -17.67 10.46
CA ILE B 253 -3.65 -17.77 11.22
C ILE B 253 -4.09 -19.22 11.31
N GLU B 254 -4.20 -19.89 10.17
CA GLU B 254 -4.93 -21.15 10.12
C GLU B 254 -4.13 -22.32 10.67
N SER B 255 -2.80 -22.25 10.59
CA SER B 255 -1.97 -23.23 11.27
C SER B 255 -2.07 -23.10 12.78
N GLY B 256 -2.71 -22.05 13.29
CA GLY B 256 -2.77 -21.82 14.71
C GLY B 256 -1.58 -21.10 15.30
N GLU B 257 -0.66 -20.65 14.47
CA GLU B 257 0.53 -19.95 14.98
C GLU B 257 0.20 -18.57 15.50
N TYR B 258 -0.72 -17.86 14.85
CA TYR B 258 -1.09 -16.53 15.31
C TYR B 258 -1.71 -16.58 16.70
N GLN B 259 -2.64 -17.50 16.91
CA GLN B 259 -3.30 -17.64 18.20
C GLN B 259 -2.32 -18.02 19.30
N LYS B 260 -1.40 -18.94 19.00
CA LYS B 260 -0.31 -19.25 19.91
C LYS B 260 0.46 -18.00 20.31
N HIS B 261 1.01 -17.28 19.32
CA HIS B 261 1.79 -16.09 19.60
C HIS B 261 0.99 -15.08 20.42
N ILE B 262 -0.28 -14.88 20.10
CA ILE B 262 -1.03 -13.86 20.81
C ILE B 262 -1.29 -14.29 22.24
N LYS B 263 -1.61 -15.57 22.45
CA LYS B 263 -1.77 -16.04 23.82
C LYS B 263 -0.49 -15.80 24.62
N LYS B 264 0.66 -16.12 24.01
CA LYS B 264 1.93 -15.98 24.70
C LYS B 264 2.26 -14.51 24.98
N MET B 265 2.09 -13.63 24.00
CA MET B 265 2.43 -12.24 24.18
C MET B 265 1.47 -11.56 25.13
N LYS B 266 0.20 -11.93 25.05
CA LYS B 266 -0.80 -11.47 25.99
C LYS B 266 -0.38 -11.79 27.40
N GLN B 267 0.03 -13.04 27.66
CA GLN B 267 0.45 -13.39 29.01
C GLN B 267 1.71 -12.64 29.41
N HIS B 268 2.66 -12.56 28.48
CA HIS B 268 3.90 -11.83 28.70
C HIS B 268 3.61 -10.43 29.16
N TYR B 269 2.75 -9.73 28.44
CA TYR B 269 2.49 -8.33 28.72
C TYR B 269 1.64 -8.15 29.96
N LYS B 270 0.70 -9.06 30.23
CA LYS B 270 0.00 -9.01 31.50
C LYS B 270 1.00 -8.99 32.64
N GLU B 271 1.91 -9.96 32.64
CA GLU B 271 2.83 -10.08 33.75
C GLU B 271 3.77 -8.91 33.80
N LYS B 272 4.20 -8.42 32.64
CA LYS B 272 5.12 -7.29 32.63
C LYS B 272 4.47 -6.02 33.11
N ARG B 273 3.24 -5.75 32.66
CA ARG B 273 2.52 -4.57 33.11
C ARG B 273 2.24 -4.62 34.60
N GLU B 274 1.86 -5.77 35.12
CA GLU B 274 1.69 -5.87 36.56
C GLU B 274 2.99 -5.61 37.29
N ARG B 275 4.10 -6.21 36.84
CA ARG B 275 5.38 -5.99 37.50
C ARG B 275 5.75 -4.52 37.45
N LEU B 276 5.51 -3.89 36.32
CA LEU B 276 5.82 -2.49 36.17
C LEU B 276 5.00 -1.64 37.13
N ILE B 277 3.72 -1.94 37.28
CA ILE B 277 2.88 -1.14 38.17
C ILE B 277 3.26 -1.37 39.62
N THR B 278 3.57 -2.60 39.96
CA THR B 278 4.14 -2.88 41.28
C THR B 278 5.36 -2.01 41.52
N ALA B 279 6.30 -2.00 40.58
CA ALA B 279 7.50 -1.21 40.76
C ALA B 279 7.18 0.27 40.89
N LEU B 280 6.18 0.74 40.14
CA LEU B 280 5.81 2.14 40.20
C LEU B 280 5.29 2.52 41.58
N GLU B 281 4.39 1.71 42.11
CA GLU B 281 3.82 2.02 43.41
C GLU B 281 4.85 1.88 44.51
N ALA B 282 5.83 0.99 44.32
CA ALA B 282 6.87 0.87 45.33
C ALA B 282 7.79 2.09 45.31
N GLU B 283 8.14 2.58 44.13
CA GLU B 283 9.11 3.65 44.08
C GLU B 283 8.48 5.01 44.33
N PHE B 284 7.24 5.24 43.92
CA PHE B 284 6.66 6.58 43.96
C PHE B 284 5.69 6.82 45.11
N SER B 285 5.61 5.91 46.08
CA SER B 285 5.09 6.23 47.41
C SER B 285 3.63 6.64 47.41
N GLY B 286 2.95 6.57 46.27
CA GLY B 286 1.62 7.13 46.17
C GLY B 286 1.57 8.56 45.69
N GLU B 287 2.69 9.11 45.20
CA GLU B 287 2.67 10.39 44.51
C GLU B 287 2.65 10.21 42.99
N VAL B 288 2.15 9.07 42.54
CA VAL B 288 1.94 8.76 41.14
C VAL B 288 0.50 8.29 41.00
N THR B 289 -0.16 8.70 39.92
CA THR B 289 -1.48 8.20 39.59
C THR B 289 -1.46 7.57 38.20
N VAL B 290 -1.92 6.33 38.14
CA VAL B 290 -1.88 5.51 36.93
C VAL B 290 -3.30 5.41 36.42
N LYS B 291 -3.47 5.64 35.12
CA LYS B 291 -4.75 5.66 34.46
C LYS B 291 -4.72 4.69 33.28
N GLY B 292 -5.79 3.94 33.11
CA GLY B 292 -6.00 3.09 31.94
C GLY B 292 -5.04 1.94 31.79
N ALA B 293 -4.57 1.37 32.90
CA ALA B 293 -3.54 0.33 32.88
C ALA B 293 -4.13 -1.06 32.75
N ASN B 294 -5.25 -1.19 32.05
CA ASN B 294 -6.09 -2.38 32.06
C ASN B 294 -5.84 -3.28 30.87
N ALA B 295 -5.32 -2.73 29.78
CA ALA B 295 -5.24 -3.41 28.50
C ALA B 295 -4.26 -2.64 27.63
N GLY B 296 -4.04 -3.14 26.41
CA GLY B 296 -3.14 -2.47 25.50
C GLY B 296 -1.67 -2.65 25.86
N LEU B 297 -0.86 -1.75 25.34
CA LEU B 297 0.57 -1.73 25.66
C LEU B 297 0.99 -0.41 26.27
N HIS B 298 0.07 0.28 26.94
CA HIS B 298 0.40 1.58 27.48
C HIS B 298 -0.56 1.90 28.60
N PHE B 299 -0.15 2.89 29.41
CA PHE B 299 -1.04 3.53 30.36
C PHE B 299 -0.47 4.89 30.69
N VAL B 300 -1.19 5.65 31.50
CA VAL B 300 -0.84 7.06 31.72
C VAL B 300 -0.46 7.23 33.19
N THR B 301 0.62 7.95 33.43
CA THR B 301 1.05 8.30 34.78
C THR B 301 1.09 9.81 34.92
N GLU B 302 0.63 10.29 36.09
CA GLU B 302 0.65 11.69 36.49
C GLU B 302 1.33 11.84 37.86
N PHE B 303 2.21 12.84 37.97
CA PHE B 303 3.10 13.02 39.14
C PHE B 303 3.04 14.41 39.76
N ASP B 304 3.96 14.72 40.68
CA ASP B 304 4.14 16.06 41.23
C ASP B 304 5.46 16.68 40.83
N THR B 305 5.42 17.93 40.37
CA THR B 305 6.66 18.62 40.02
C THR B 305 6.46 20.13 40.02
N ARG B 306 7.60 20.82 40.02
CA ARG B 306 7.71 22.17 39.53
C ARG B 306 8.05 22.20 38.05
N ARG B 307 8.49 21.07 37.51
CA ARG B 307 9.17 21.04 36.23
C ARG B 307 8.17 21.01 35.10
N THR B 308 8.42 21.84 34.09
CA THR B 308 7.64 21.72 32.87
C THR B 308 7.71 20.27 32.39
N GLU B 309 6.67 19.84 31.67
CA GLU B 309 6.71 18.53 31.06
C GLU B 309 7.99 18.38 30.26
N GLN B 310 8.38 19.45 29.58
CA GLN B 310 9.67 19.46 28.90
C GLN B 310 10.82 19.22 29.86
N ASP B 311 10.67 19.59 31.12
CA ASP B 311 11.77 19.42 32.06
C ASP B 311 11.93 17.96 32.45
N ILE B 312 10.83 17.30 32.79
CA ILE B 312 10.92 15.88 33.08
C ILE B 312 11.43 15.14 31.86
N LEU B 313 10.90 15.47 30.68
CA LEU B 313 11.33 14.77 29.49
C LEU B 313 12.80 15.02 29.23
N SER B 314 13.25 16.26 29.45
CA SER B 314 14.62 16.64 29.17
C SER B 314 15.58 15.94 30.12
N HIS B 315 15.21 15.87 31.40
CA HIS B 315 16.05 15.26 32.43
C HIS B 315 16.08 13.76 32.29
N ALA B 316 15.02 13.18 31.69
CA ALA B 316 14.92 11.77 31.33
C ALA B 316 15.73 11.41 30.09
N ALA B 317 15.91 12.34 29.16
CA ALA B 317 16.86 12.10 28.09
C ALA B 317 18.31 12.02 28.60
N GLY B 318 18.58 12.57 29.78
CA GLY B 318 19.88 12.49 30.43
C GLY B 318 20.06 11.30 31.34
N LEU B 319 18.99 10.58 31.65
CA LEU B 319 19.07 9.25 32.24
C LEU B 319 18.90 8.17 31.18
N GLN B 320 18.86 8.57 29.92
CA GLN B 320 18.66 7.67 28.79
C GLN B 320 17.43 6.79 29.02
N LEU B 321 16.30 7.48 29.03
CA LEU B 321 14.98 6.90 29.25
C LEU B 321 14.04 7.55 28.25
N GLU B 322 13.59 6.80 27.26
CA GLU B 322 12.74 7.33 26.22
C GLU B 322 11.30 7.28 26.69
N ILE B 323 10.61 8.42 26.64
CA ILE B 323 9.26 8.51 27.15
C ILE B 323 8.57 9.67 26.46
N PHE B 324 7.24 9.69 26.55
CA PHE B 324 6.42 10.62 25.80
C PHE B 324 5.45 11.29 26.72
N GLY B 325 5.13 12.54 26.37
CA GLY B 325 4.23 13.32 27.17
C GLY B 325 2.90 13.44 26.48
N MET B 326 1.87 13.72 27.26
CA MET B 326 0.54 13.76 26.68
C MET B 326 0.39 14.92 25.72
N SER B 327 1.21 15.95 25.84
CA SER B 327 1.15 17.08 24.93
C SER B 327 1.67 16.74 23.56
N ARG B 328 2.33 15.59 23.42
CA ARG B 328 2.68 15.09 22.10
C ARG B 328 1.44 14.71 21.31
N PHE B 329 0.36 14.32 21.99
CA PHE B 329 -0.84 13.77 21.36
C PHE B 329 -1.97 14.78 21.23
N ASN B 330 -1.72 16.04 21.52
CA ASN B 330 -2.61 17.08 21.03
C ASN B 330 -2.68 16.97 19.51
N LEU B 331 -3.84 17.24 18.96
CA LEU B 331 -3.96 17.36 17.52
C LEU B 331 -3.56 18.72 16.99
N LYS B 332 -3.09 19.62 17.86
CA LYS B 332 -2.57 20.92 17.44
C LYS B 332 -1.11 21.08 17.84
N THR B 338 -0.40 25.19 27.76
CA THR B 338 -0.56 23.92 28.47
C THR B 338 -0.94 24.17 29.93
N GLY B 339 -1.09 23.10 30.73
CA GLY B 339 -1.46 23.30 32.11
C GLY B 339 -0.92 22.36 33.17
N ARG B 340 -0.19 21.31 32.81
CA ARG B 340 0.56 20.49 33.77
C ARG B 340 1.29 19.37 32.99
N PRO B 341 2.20 18.53 33.61
CA PRO B 341 2.61 17.30 32.91
C PRO B 341 1.85 16.01 33.25
N ALA B 342 1.60 15.21 32.20
CA ALA B 342 1.23 13.79 32.27
C ALA B 342 2.03 13.04 31.22
N LEU B 343 2.41 11.80 31.53
CA LEU B 343 3.14 11.01 30.54
C LEU B 343 2.45 9.69 30.25
N ILE B 344 2.76 9.17 29.07
CA ILE B 344 2.33 7.85 28.63
C ILE B 344 3.49 6.86 28.71
N ILE B 345 3.22 5.73 29.36
CA ILE B 345 4.19 4.66 29.59
C ILE B 345 3.82 3.54 28.62
N GLY B 346 4.70 3.29 27.66
CA GLY B 346 4.55 2.16 26.76
C GLY B 346 5.55 1.07 27.04
N PHE B 347 5.08 -0.05 27.58
CA PHE B 347 5.93 -1.17 27.95
C PHE B 347 6.08 -2.19 26.82
N ALA B 348 6.05 -1.72 25.57
CA ALA B 348 6.10 -2.62 24.43
C ALA B 348 7.47 -3.26 24.28
N ARG B 349 8.52 -2.46 24.13
CA ARG B 349 9.87 -2.98 23.99
C ARG B 349 10.71 -2.70 25.25
N LEU B 350 10.05 -2.59 26.39
CA LEU B 350 10.74 -2.49 27.66
C LEU B 350 11.21 -3.86 28.13
N LYS B 351 12.51 -4.05 28.28
CA LYS B 351 13.02 -5.37 28.66
C LYS B 351 12.83 -5.64 30.13
N GLU B 352 12.36 -6.84 30.44
CA GLU B 352 11.90 -7.15 31.79
C GLU B 352 12.99 -6.94 32.83
N GLU B 353 14.28 -7.01 32.44
CA GLU B 353 15.35 -6.72 33.39
C GLU B 353 15.50 -5.23 33.64
N ASP B 354 14.86 -4.37 32.85
CA ASP B 354 15.01 -2.92 32.92
C ASP B 354 13.85 -2.23 33.59
N ILE B 355 12.97 -2.98 34.24
CA ILE B 355 11.80 -2.37 34.87
C ILE B 355 12.21 -1.56 36.07
N GLN B 356 12.87 -2.20 37.05
CA GLN B 356 13.23 -1.51 38.28
C GLN B 356 14.12 -0.33 37.98
N GLU B 357 15.21 -0.57 37.25
CA GLU B 357 16.03 0.53 36.76
C GLU B 357 15.20 1.60 36.08
N GLY B 358 14.31 1.19 35.16
CA GLY B 358 13.54 2.18 34.46
C GLY B 358 12.77 3.07 35.41
N VAL B 359 12.09 2.46 36.39
CA VAL B 359 11.28 3.23 37.31
C VAL B 359 12.18 4.08 38.19
N GLN B 360 13.36 3.55 38.53
CA GLN B 360 14.34 4.35 39.24
C GLN B 360 14.70 5.58 38.43
N ARG B 361 15.01 5.36 37.15
CA ARG B 361 15.34 6.50 36.32
C ARG B 361 14.19 7.47 36.34
N LEU B 362 12.97 6.96 36.29
CA LEU B 362 11.82 7.84 36.19
C LEU B 362 11.76 8.74 37.41
N PHE B 363 11.97 8.16 38.59
CA PHE B 363 11.90 8.94 39.83
C PHE B 363 12.93 10.07 39.82
N LYS B 364 14.09 9.82 39.23
CA LYS B 364 15.07 10.89 39.07
C LYS B 364 14.73 11.78 37.90
N ALA B 365 14.22 11.19 36.82
CA ALA B 365 13.86 11.99 35.66
C ALA B 365 12.85 13.06 36.05
N VAL B 366 11.92 12.71 36.93
CA VAL B 366 10.95 13.69 37.40
C VAL B 366 11.63 14.75 38.26
N TYR B 367 12.50 14.32 39.17
CA TYR B 367 13.04 15.14 40.24
C TYR B 367 14.54 15.42 40.12
N GLY B 368 15.36 14.40 40.07
CA GLY B 368 16.79 14.59 40.07
C GLY B 368 17.48 14.48 41.41
N HIS B 369 16.86 13.80 42.38
CA HIS B 369 17.38 13.70 43.74
C HIS B 369 18.76 13.03 43.81
#